data_4OHM
#
_entry.id   4OHM
#
_cell.length_a   149.181
_cell.length_b   149.181
_cell.length_c   132.327
_cell.angle_alpha   90.00
_cell.angle_beta   90.00
_cell.angle_gamma   120.00
#
_symmetry.space_group_name_H-M   'P 65'
#
loop_
_entity.id
_entity.type
_entity.pdbx_description
1 polymer 'Glucokinase regulatory protein'
2 non-polymer (2S)-2-{4-[(2S)-4-[(6-aminopyridin-3-yl)sulfonyl]-2-(prop-1-yn-1-yl)piperazin-1-yl]phenyl}-3,3,3-trifluoropropane-1,2-diol
3 non-polymer D-SORBITOL-6-PHOSPHATE
4 non-polymer 'IODIDE ION'
5 non-polymer GLYCEROL
6 non-polymer 'SULFATE ION'
7 water water
#
_entity_poly.entity_id   1
_entity_poly.type   'polypeptide(L)'
_entity_poly.pdbx_seq_one_letter_code
;MAHHHHHHDEVDMPGTKRFQHVIETPEPGKWELSGYEAAVPITEKSNPLTQDLDKADAENIVRLLGQCDAEIFQEEGQAL
STYQRLYSESILTTMVQVAGKVQEVLKEPDGGLVVLSGGGTSGRMAFLMSVSFNQLMKGLGQKPLYTYLIAGGDRSVVAS
REGTEDSALHGIEELKKVAAGKKRVIVIGISVGLSAPFVAGQMDCCMNNTAVFLPVLVGFNPVSMARNDPIEDWSSTFRQ
VAERMQKMQEKQKAFVLNPAIGPEGLSGSSRMKGGSATKILLETLLLAAHKTVDQGIAASQRCLLEILRTFERAHQVTYS
QSPKIATLMKSVSTSLEKKGHVYLVGWQTLGIIAIMDGVECIHTFGADFRDVRGFLIGDHSDMFNQKAELTNQGPQFTFS
QEDFLTSILPSLTEIDTVVFIFTLDDNLTEVQTIVEQVKEKTNHIQALAHSTVGQTLPIPLKKLFPSIISITWPLLFFEY
EGNFIQKFQRELSTKWVLNTVSTGAHVLLGKILQNHMLDLRISNSKLFWRALAMLQRFSGQSKARCIESLLRAIHFPQPL
SDDIRAAPISCHVQVAHEKEQVIPIALLSLLFRCSITEAQAHLAAAPSVCEAVRSALAGPGQKRTADPLEILEPDVQG
;
_entity_poly.pdbx_strand_id   A,B
#
# COMPACT_ATOMS: atom_id res chain seq x y z
N MET A 13 -17.66 12.12 8.45
CA MET A 13 -19.06 11.65 8.44
C MET A 13 -19.12 10.18 8.03
N PRO A 14 -20.21 9.45 8.40
CA PRO A 14 -20.34 8.04 7.98
C PRO A 14 -20.44 7.88 6.46
N GLY A 15 -19.58 7.05 5.90
CA GLY A 15 -19.46 6.92 4.45
C GLY A 15 -18.33 7.74 3.83
N THR A 16 -17.90 8.81 4.47
CA THR A 16 -16.86 9.63 3.86
C THR A 16 -15.61 8.79 3.58
N LYS A 17 -15.24 7.87 4.44
CA LYS A 17 -14.08 7.01 4.11
C LYS A 17 -14.25 6.22 2.77
N ARG A 18 -15.47 5.74 2.50
CA ARG A 18 -15.71 4.83 1.38
C ARG A 18 -15.94 5.56 0.06
N PHE A 19 -16.52 6.76 0.11
CA PHE A 19 -16.95 7.50 -1.09
C PHE A 19 -16.12 8.73 -1.34
N GLN A 20 -15.11 8.94 -0.51
CA GLN A 20 -14.23 10.13 -0.58
C GLN A 20 -13.66 10.34 -1.97
N HIS A 21 -13.09 9.28 -2.52
CA HIS A 21 -12.40 9.34 -3.79
C HIS A 21 -13.30 9.64 -5.01
N VAL A 22 -14.61 9.44 -4.86
CA VAL A 22 -15.52 9.51 -5.98
C VAL A 22 -15.50 10.95 -6.43
N ILE A 23 -15.28 11.23 -7.72
CA ILE A 23 -15.31 12.59 -8.18
C ILE A 23 -16.74 13.14 -8.21
N GLU A 24 -16.90 14.42 -7.80
CA GLU A 24 -18.22 15.07 -7.80
C GLU A 24 -18.80 15.13 -9.19
N THR A 25 -20.13 15.16 -9.25
CA THR A 25 -20.81 15.34 -10.50
C THR A 25 -20.57 16.78 -10.93
N PRO A 26 -20.14 16.97 -12.16
CA PRO A 26 -19.98 18.35 -12.59
C PRO A 26 -21.34 19.00 -12.97
N GLU A 27 -21.47 20.31 -12.78
CA GLU A 27 -22.59 21.11 -13.32
C GLU A 27 -22.85 20.83 -14.82
N PRO A 28 -24.09 21.06 -15.28
CA PRO A 28 -24.36 20.72 -16.67
C PRO A 28 -23.49 21.58 -17.57
N GLY A 29 -22.81 20.96 -18.53
CA GLY A 29 -21.98 21.69 -19.46
C GLY A 29 -20.51 21.71 -19.11
N LYS A 30 -20.13 21.44 -17.86
CA LYS A 30 -18.70 21.49 -17.47
C LYS A 30 -18.00 20.12 -17.25
N TRP A 31 -18.53 19.09 -17.90
CA TRP A 31 -17.98 17.75 -17.73
C TRP A 31 -16.50 17.69 -18.14
N GLU A 32 -16.14 18.33 -19.25
CA GLU A 32 -14.72 18.53 -19.62
C GLU A 32 -14.00 19.50 -18.66
N LEU A 33 -14.54 20.71 -18.52
CA LEU A 33 -13.84 21.79 -17.81
C LEU A 33 -13.66 21.57 -16.30
N SER A 34 -14.48 20.74 -15.72
CA SER A 34 -14.25 20.35 -14.35
C SER A 34 -13.04 19.41 -14.25
N GLY A 35 -12.49 18.99 -15.39
CA GLY A 35 -11.51 17.90 -15.46
C GLY A 35 -12.12 16.51 -15.15
N TYR A 36 -13.43 16.34 -15.29
CA TYR A 36 -14.05 15.10 -14.84
C TYR A 36 -13.70 14.05 -15.88
N GLU A 37 -13.97 14.38 -17.14
CA GLU A 37 -13.76 13.49 -18.28
C GLU A 37 -12.31 13.00 -18.36
N ALA A 38 -11.36 13.84 -18.02
CA ALA A 38 -9.96 13.44 -18.10
C ALA A 38 -9.53 12.48 -16.97
N ALA A 39 -10.33 12.35 -15.91
CA ALA A 39 -10.05 11.32 -14.93
C ALA A 39 -10.88 10.01 -15.12
N VAL A 40 -11.72 9.92 -16.14
CA VAL A 40 -12.38 8.63 -16.41
C VAL A 40 -11.35 7.77 -17.09
N PRO A 41 -11.00 6.63 -16.45
CA PRO A 41 -10.06 5.72 -17.15
C PRO A 41 -10.50 5.41 -18.56
N ILE A 42 -9.54 5.21 -19.46
CA ILE A 42 -9.92 4.99 -20.89
C ILE A 42 -10.83 3.81 -20.93
N THR A 43 -10.61 2.81 -20.05
CA THR A 43 -11.31 1.53 -20.14
C THR A 43 -12.78 1.67 -19.79
N GLU A 44 -13.13 2.75 -19.07
CA GLU A 44 -14.50 2.98 -18.68
C GLU A 44 -15.17 3.99 -19.52
N LYS A 45 -14.45 4.62 -20.44
CA LYS A 45 -15.00 5.73 -21.19
C LYS A 45 -16.10 5.29 -22.13
N SER A 46 -16.97 6.25 -22.43
CA SER A 46 -17.96 6.18 -23.47
C SER A 46 -17.28 6.38 -24.79
N ASN A 47 -17.35 5.40 -25.68
CA ASN A 47 -16.74 5.56 -26.98
C ASN A 47 -17.60 6.49 -27.87
N PRO A 48 -17.04 7.63 -28.30
CA PRO A 48 -17.87 8.56 -29.15
C PRO A 48 -18.36 7.95 -30.50
N LEU A 49 -17.58 7.07 -31.10
CA LEU A 49 -18.09 6.29 -32.21
C LEU A 49 -19.47 5.65 -31.93
N THR A 50 -19.75 5.28 -30.68
CA THR A 50 -20.93 4.52 -30.35
C THR A 50 -21.94 5.25 -29.52
N GLN A 51 -21.94 6.59 -29.57
CA GLN A 51 -22.91 7.45 -28.85
C GLN A 51 -24.32 6.98 -29.08
N ASP A 52 -24.59 6.58 -30.33
CA ASP A 52 -25.96 6.22 -30.76
C ASP A 52 -26.08 4.74 -31.14
N LEU A 53 -25.38 3.89 -30.42
CA LEU A 53 -25.37 2.47 -30.74
C LEU A 53 -26.72 1.85 -30.58
N ASP A 54 -27.52 2.41 -29.68
CA ASP A 54 -28.84 1.84 -29.35
C ASP A 54 -29.84 2.15 -30.48
N LYS A 55 -29.50 3.08 -31.37
CA LYS A 55 -30.33 3.40 -32.53
C LYS A 55 -29.77 2.78 -33.83
N ALA A 56 -28.54 2.28 -33.79
CA ALA A 56 -27.98 1.71 -34.96
C ALA A 56 -28.66 0.38 -35.24
N ASP A 57 -28.81 0.06 -36.55
CA ASP A 57 -29.30 -1.23 -37.04
C ASP A 57 -28.18 -2.29 -37.12
N ALA A 58 -28.50 -3.51 -37.54
CA ALA A 58 -27.50 -4.56 -37.41
C ALA A 58 -26.21 -4.24 -38.17
N GLU A 59 -26.35 -3.62 -39.34
CA GLU A 59 -25.20 -3.36 -40.23
C GLU A 59 -24.30 -2.23 -39.71
N ASN A 60 -24.92 -1.14 -39.25
CA ASN A 60 -24.23 -0.11 -38.49
C ASN A 60 -23.48 -0.63 -37.24
N ILE A 61 -24.16 -1.46 -36.43
CA ILE A 61 -23.58 -2.04 -35.26
C ILE A 61 -22.31 -2.75 -35.67
N VAL A 62 -22.36 -3.52 -36.74
CA VAL A 62 -21.15 -4.26 -37.19
C VAL A 62 -20.07 -3.30 -37.66
N ARG A 63 -20.48 -2.23 -38.31
CA ARG A 63 -19.53 -1.24 -38.74
C ARG A 63 -18.91 -0.51 -37.54
N LEU A 64 -19.75 -0.07 -36.62
CA LEU A 64 -19.29 0.64 -35.42
C LEU A 64 -18.36 -0.21 -34.52
N LEU A 65 -18.68 -1.46 -34.25
CA LEU A 65 -17.75 -2.30 -33.48
C LEU A 65 -16.48 -2.69 -34.23
N GLY A 66 -16.56 -2.84 -35.56
CA GLY A 66 -15.37 -3.10 -36.40
C GLY A 66 -14.41 -1.92 -36.31
N GLN A 67 -14.99 -0.75 -36.20
CA GLN A 67 -14.23 0.47 -36.10
C GLN A 67 -13.59 0.57 -34.70
N CYS A 68 -14.40 0.35 -33.66
CA CYS A 68 -13.93 0.29 -32.28
C CYS A 68 -12.76 -0.70 -32.15
N ASP A 69 -12.92 -1.92 -32.63
CA ASP A 69 -11.84 -2.93 -32.68
C ASP A 69 -10.58 -2.48 -33.39
N ALA A 70 -10.74 -1.75 -34.48
CA ALA A 70 -9.63 -1.27 -35.29
C ALA A 70 -8.76 -0.32 -34.47
N GLU A 71 -9.33 0.35 -33.47
CA GLU A 71 -8.56 1.31 -32.69
C GLU A 71 -7.42 0.60 -31.93
N ILE A 72 -7.49 -0.71 -31.78
CA ILE A 72 -6.38 -1.42 -31.18
C ILE A 72 -5.09 -1.16 -31.95
N PHE A 73 -5.19 -1.02 -33.28
CA PHE A 73 -4.05 -0.90 -34.21
C PHE A 73 -3.73 0.55 -34.65
N GLN A 74 -4.50 1.51 -34.17
CA GLN A 74 -4.24 2.89 -34.47
C GLN A 74 -2.97 3.37 -33.74
N GLU A 75 -2.22 4.24 -34.41
CA GLU A 75 -0.94 4.75 -33.92
C GLU A 75 -1.12 6.02 -33.10
N GLU A 76 -0.07 6.33 -32.32
CA GLU A 76 -0.04 7.53 -31.48
C GLU A 76 -0.05 8.83 -32.33
N GLY A 77 -0.99 9.73 -32.06
CA GLY A 77 -0.92 11.10 -32.60
C GLY A 77 0.27 11.90 -32.05
N GLN A 78 0.35 13.19 -32.39
CA GLN A 78 1.51 14.04 -32.02
C GLN A 78 1.28 14.85 -30.74
N SER A 81 0.87 15.56 -27.61
CA SER A 81 0.61 15.25 -26.19
C SER A 81 -0.52 14.21 -26.00
N THR A 82 -0.13 12.97 -25.67
CA THR A 82 -1.04 11.83 -25.82
C THR A 82 -0.51 10.53 -25.21
N TYR A 83 -1.37 9.51 -25.15
CA TYR A 83 -1.02 8.21 -24.52
C TYR A 83 -0.39 7.16 -25.52
N GLN A 84 0.71 6.53 -25.11
CA GLN A 84 1.29 5.43 -25.87
C GLN A 84 0.26 4.34 -26.30
N ARG A 85 0.49 3.80 -27.50
CA ARG A 85 -0.34 2.79 -28.12
C ARG A 85 0.47 1.51 -28.52
N LEU A 86 -0.17 0.58 -29.18
CA LEU A 86 0.45 -0.71 -29.34
C LEU A 86 1.74 -0.60 -30.18
N TYR A 87 1.65 0.20 -31.24
CA TYR A 87 2.74 0.47 -32.17
C TYR A 87 3.71 1.59 -31.77
N SER A 88 3.64 2.09 -30.53
CA SER A 88 4.59 3.09 -30.13
C SER A 88 5.90 2.38 -29.73
N GLU A 89 7.01 3.11 -29.84
CA GLU A 89 8.35 2.60 -29.59
C GLU A 89 8.53 2.17 -28.11
N SER A 90 7.97 2.93 -27.20
CA SER A 90 8.02 2.59 -25.77
C SER A 90 7.39 1.22 -25.51
N ILE A 91 6.23 0.97 -26.10
CA ILE A 91 5.57 -0.32 -25.90
C ILE A 91 6.25 -1.46 -26.62
N LEU A 92 6.67 -1.28 -27.88
CA LEU A 92 7.33 -2.37 -28.60
C LEU A 92 8.63 -2.72 -27.93
N THR A 93 9.44 -1.72 -27.58
CA THR A 93 10.65 -1.88 -26.69
C THR A 93 10.39 -2.62 -25.39
N THR A 94 9.25 -2.38 -24.75
CA THR A 94 8.88 -3.19 -23.59
C THR A 94 8.57 -4.64 -23.97
N MET A 95 7.81 -4.84 -25.03
CA MET A 95 7.53 -6.20 -25.48
C MET A 95 8.83 -6.98 -25.79
N VAL A 96 9.81 -6.30 -26.36
CA VAL A 96 11.11 -6.95 -26.66
C VAL A 96 11.80 -7.36 -25.39
N GLN A 97 12.04 -6.40 -24.48
CA GLN A 97 12.67 -6.73 -23.19
C GLN A 97 12.00 -7.91 -22.45
N VAL A 98 10.67 -7.95 -22.44
CA VAL A 98 9.90 -9.06 -21.81
C VAL A 98 10.13 -10.39 -22.56
N ALA A 99 10.05 -10.34 -23.87
CA ALA A 99 10.49 -11.49 -24.70
C ALA A 99 11.85 -11.98 -24.21
N GLY A 100 12.76 -11.03 -24.01
CA GLY A 100 14.07 -11.31 -23.49
C GLY A 100 13.96 -12.18 -22.27
N LYS A 101 13.26 -11.69 -21.24
CA LYS A 101 13.26 -12.36 -19.92
C LYS A 101 12.59 -13.70 -20.02
N VAL A 102 11.60 -13.82 -20.91
CA VAL A 102 10.99 -15.12 -21.18
C VAL A 102 12.04 -16.07 -21.76
N GLN A 103 12.90 -15.58 -22.66
CA GLN A 103 13.98 -16.45 -23.15
C GLN A 103 14.83 -17.02 -21.99
N GLU A 104 15.31 -16.17 -21.07
CA GLU A 104 16.12 -16.66 -19.93
C GLU A 104 15.53 -17.90 -19.26
N VAL A 105 14.21 -17.91 -19.12
CA VAL A 105 13.47 -19.00 -18.47
C VAL A 105 13.43 -20.22 -19.36
N LEU A 106 13.14 -20.03 -20.63
CA LEU A 106 13.18 -21.11 -21.61
C LEU A 106 14.58 -21.76 -21.74
N LYS A 107 15.65 -21.00 -21.48
CA LYS A 107 17.02 -21.56 -21.47
C LYS A 107 17.26 -22.46 -20.28
N GLU A 108 16.59 -22.17 -19.17
CA GLU A 108 16.81 -22.88 -17.93
C GLU A 108 15.49 -23.45 -17.40
N PRO A 109 14.88 -24.38 -18.13
CA PRO A 109 13.55 -24.90 -17.76
C PRO A 109 13.42 -25.54 -16.39
N ASP A 110 14.52 -26.02 -15.82
CA ASP A 110 14.50 -26.63 -14.48
C ASP A 110 14.28 -25.57 -13.38
N GLY A 111 13.07 -25.55 -12.85
CA GLY A 111 12.71 -24.59 -11.80
C GLY A 111 12.06 -23.31 -12.34
N GLY A 112 11.76 -23.31 -13.64
CA GLY A 112 11.25 -22.14 -14.32
C GLY A 112 9.75 -22.31 -14.42
N LEU A 113 9.01 -21.20 -14.45
CA LEU A 113 7.55 -21.26 -14.68
C LEU A 113 7.10 -19.92 -15.30
N VAL A 114 6.01 -19.94 -16.05
CA VAL A 114 5.47 -18.71 -16.59
C VAL A 114 3.98 -18.66 -16.31
N VAL A 115 3.54 -17.79 -15.40
CA VAL A 115 2.13 -17.74 -14.99
C VAL A 115 1.45 -16.58 -15.67
N LEU A 116 0.30 -16.86 -16.26
CA LEU A 116 -0.52 -15.84 -16.89
C LEU A 116 -1.80 -15.75 -16.06
N SER A 117 -2.06 -14.58 -15.47
CA SER A 117 -3.14 -14.47 -14.46
C SER A 117 -4.07 -13.27 -14.63
N GLY A 118 -5.32 -13.46 -14.34
CA GLY A 118 -6.33 -12.49 -14.62
C GLY A 118 -7.63 -12.94 -14.01
N GLY A 119 -8.55 -12.00 -13.84
CA GLY A 119 -9.92 -12.30 -13.42
C GLY A 119 -10.80 -12.23 -14.64
N GLY A 120 -11.92 -12.97 -14.64
CA GLY A 120 -12.94 -12.86 -15.67
C GLY A 120 -12.34 -13.15 -17.04
N THR A 121 -12.63 -12.30 -18.01
CA THR A 121 -12.14 -12.54 -19.36
C THR A 121 -10.65 -12.47 -19.50
N SER A 122 -9.96 -11.79 -18.61
CA SER A 122 -8.49 -11.83 -18.66
C SER A 122 -8.03 -13.17 -18.25
N GLY A 123 -8.78 -13.75 -17.30
CA GLY A 123 -8.51 -15.09 -16.81
C GLY A 123 -8.76 -16.12 -17.91
N ARG A 124 -9.87 -15.96 -18.63
CA ARG A 124 -10.17 -16.80 -19.74
C ARG A 124 -9.05 -16.72 -20.80
N MET A 125 -8.66 -15.52 -21.18
CA MET A 125 -7.60 -15.38 -22.19
C MET A 125 -6.30 -16.01 -21.74
N ALA A 126 -5.96 -15.83 -20.47
CA ALA A 126 -4.74 -16.44 -19.92
C ALA A 126 -4.66 -17.99 -20.12
N PHE A 127 -5.84 -18.59 -20.01
CA PHE A 127 -6.02 -20.02 -20.04
C PHE A 127 -5.67 -20.52 -21.44
N LEU A 128 -6.39 -20.00 -22.43
CA LEU A 128 -6.13 -20.27 -23.84
C LEU A 128 -4.66 -20.15 -24.18
N MET A 129 -4.09 -19.01 -23.84
CA MET A 129 -2.69 -18.77 -24.18
C MET A 129 -1.77 -19.77 -23.51
N SER A 130 -2.06 -20.15 -22.27
CA SER A 130 -1.18 -21.10 -21.57
C SER A 130 -1.28 -22.50 -22.22
N VAL A 131 -2.47 -22.85 -22.73
CA VAL A 131 -2.61 -24.08 -23.47
C VAL A 131 -1.72 -24.02 -24.74
N SER A 132 -2.04 -23.06 -25.61
CA SER A 132 -1.29 -22.85 -26.84
C SER A 132 0.20 -22.93 -26.69
N PHE A 133 0.79 -22.27 -25.70
CA PHE A 133 2.25 -22.25 -25.63
C PHE A 133 2.81 -23.50 -24.99
N ASN A 134 1.95 -24.18 -24.23
CA ASN A 134 2.27 -25.48 -23.65
C ASN A 134 2.26 -26.54 -24.76
N GLN A 135 1.28 -26.43 -25.67
CA GLN A 135 1.28 -27.23 -26.90
C GLN A 135 2.65 -27.03 -27.61
N LEU A 136 2.95 -25.78 -27.98
CA LEU A 136 4.19 -25.47 -28.68
C LEU A 136 5.44 -26.15 -28.10
N MET A 137 5.54 -26.25 -26.79
CA MET A 137 6.74 -26.85 -26.21
C MET A 137 6.69 -28.38 -26.22
N LYS A 138 5.48 -28.93 -26.18
CA LYS A 138 5.26 -30.36 -26.31
C LYS A 138 5.56 -30.83 -27.74
N GLY A 139 4.94 -30.17 -28.72
CA GLY A 139 5.31 -30.37 -30.12
C GLY A 139 6.82 -30.35 -30.37
N LEU A 140 7.59 -29.71 -29.50
CA LEU A 140 9.07 -29.74 -29.51
C LEU A 140 9.74 -30.70 -28.48
N GLY A 141 8.96 -31.39 -27.66
CA GLY A 141 9.51 -32.28 -26.63
C GLY A 141 10.22 -31.57 -25.49
N GLN A 142 9.75 -30.36 -25.15
CA GLN A 142 10.16 -29.69 -23.92
C GLN A 142 9.06 -29.79 -22.86
N LYS A 143 9.48 -29.70 -21.60
CA LYS A 143 8.50 -29.70 -20.51
C LYS A 143 7.71 -28.38 -20.63
N PRO A 144 6.37 -28.45 -20.57
CA PRO A 144 5.51 -27.26 -20.49
C PRO A 144 5.88 -26.35 -19.31
N LEU A 145 6.18 -25.07 -19.57
CA LEU A 145 6.53 -24.11 -18.50
C LEU A 145 5.42 -23.12 -18.16
N TYR A 146 4.33 -23.17 -18.92
CA TYR A 146 3.25 -22.23 -18.79
C TYR A 146 2.16 -22.79 -17.92
N THR A 147 1.53 -21.89 -17.18
CA THR A 147 0.27 -22.19 -16.51
C THR A 147 -0.54 -20.91 -16.34
N TYR A 148 -1.84 -21.06 -16.07
CA TYR A 148 -2.72 -19.91 -15.90
C TYR A 148 -3.18 -19.82 -14.44
N LEU A 149 -3.82 -18.71 -14.07
CA LEU A 149 -4.50 -18.54 -12.78
C LEU A 149 -5.68 -17.68 -13.08
N ILE A 150 -6.83 -18.05 -12.54
CA ILE A 150 -8.02 -17.27 -12.79
C ILE A 150 -8.77 -17.04 -11.47
N ALA A 151 -9.33 -15.82 -11.34
CA ALA A 151 -10.08 -15.48 -10.16
C ALA A 151 -11.17 -16.51 -10.01
N GLY A 152 -11.04 -17.27 -8.93
CA GLY A 152 -12.05 -18.16 -8.40
C GLY A 152 -11.76 -19.62 -8.72
N GLY A 153 -10.50 -19.97 -9.01
CA GLY A 153 -10.12 -21.30 -9.51
C GLY A 153 -10.62 -21.67 -10.92
N ASP A 154 -10.12 -22.80 -11.39
CA ASP A 154 -10.32 -23.28 -12.77
C ASP A 154 -11.77 -23.33 -13.20
N ARG A 155 -12.68 -23.57 -12.29
CA ARG A 155 -14.09 -23.52 -12.68
C ARG A 155 -14.49 -22.19 -13.30
N SER A 156 -13.80 -21.11 -12.93
CA SER A 156 -14.14 -19.78 -13.45
C SER A 156 -13.95 -19.64 -14.97
N VAL A 157 -13.06 -20.44 -15.59
CA VAL A 157 -12.80 -20.35 -17.06
C VAL A 157 -14.06 -20.33 -17.89
N VAL A 158 -15.05 -21.09 -17.47
CA VAL A 158 -16.23 -21.33 -18.27
C VAL A 158 -17.50 -20.95 -17.52
N ALA A 159 -17.35 -20.26 -16.37
CA ALA A 159 -18.53 -19.77 -15.63
C ALA A 159 -18.55 -18.25 -15.47
N SER A 160 -19.77 -17.70 -15.32
CA SER A 160 -19.96 -16.31 -14.87
C SER A 160 -19.71 -16.22 -13.38
N ARG A 161 -18.57 -15.69 -12.98
CA ARG A 161 -18.28 -15.58 -11.56
C ARG A 161 -17.60 -14.23 -11.23
N GLU A 162 -18.37 -13.17 -11.41
CA GLU A 162 -17.83 -11.80 -11.39
C GLU A 162 -17.30 -11.35 -10.02
N GLY A 163 -17.82 -11.98 -8.96
CA GLY A 163 -17.47 -11.68 -7.59
C GLY A 163 -16.11 -12.11 -7.09
N THR A 164 -15.43 -12.97 -7.82
CA THR A 164 -14.20 -13.56 -7.28
C THR A 164 -12.93 -12.68 -7.43
N GLU A 165 -12.99 -11.61 -8.20
CA GLU A 165 -11.79 -10.77 -8.41
C GLU A 165 -11.39 -9.77 -7.28
N ASP A 166 -12.20 -9.69 -6.22
CA ASP A 166 -12.11 -8.59 -5.23
C ASP A 166 -11.18 -8.89 -4.07
N SER A 167 -10.60 -10.08 -4.01
CA SER A 167 -9.65 -10.40 -2.94
C SER A 167 -8.23 -10.50 -3.43
N ALA A 168 -7.37 -9.66 -2.88
CA ALA A 168 -5.94 -9.74 -3.14
C ALA A 168 -5.31 -10.94 -2.45
N LEU A 169 -5.78 -11.33 -1.28
CA LEU A 169 -5.21 -12.50 -0.59
C LEU A 169 -5.50 -13.75 -1.40
N HIS A 170 -6.68 -13.85 -1.97
CA HIS A 170 -6.98 -14.99 -2.83
C HIS A 170 -5.94 -15.08 -3.99
N GLY A 171 -5.71 -13.98 -4.68
CA GLY A 171 -4.79 -13.98 -5.82
C GLY A 171 -3.42 -14.41 -5.38
N ILE A 172 -2.96 -13.89 -4.25
CA ILE A 172 -1.65 -14.23 -3.71
C ILE A 172 -1.57 -15.73 -3.37
N GLU A 173 -2.68 -16.24 -2.83
CA GLU A 173 -2.79 -17.65 -2.44
C GLU A 173 -2.66 -18.62 -3.62
N GLU A 174 -3.41 -18.36 -4.68
CA GLU A 174 -3.31 -19.10 -5.94
C GLU A 174 -1.91 -19.04 -6.52
N LEU A 175 -1.28 -17.87 -6.45
CA LEU A 175 0.05 -17.70 -6.94
C LEU A 175 1.03 -18.52 -6.10
N LYS A 176 0.83 -18.62 -4.78
CA LYS A 176 1.72 -19.46 -3.94
C LYS A 176 1.59 -20.97 -4.26
N LYS A 177 0.38 -21.42 -4.59
CA LYS A 177 0.15 -22.82 -4.87
C LYS A 177 0.98 -23.27 -6.06
N VAL A 178 0.72 -22.60 -7.16
CA VAL A 178 1.32 -22.92 -8.45
C VAL A 178 2.84 -22.66 -8.51
N ALA A 179 3.35 -21.70 -7.75
CA ALA A 179 4.77 -21.37 -7.73
C ALA A 179 5.58 -22.18 -6.70
N ALA A 180 4.94 -23.19 -6.12
CA ALA A 180 5.58 -24.44 -5.58
C ALA A 180 6.99 -24.25 -5.02
N GLY A 181 7.97 -24.99 -5.57
CA GLY A 181 9.35 -24.82 -5.20
C GLY A 181 10.13 -24.39 -6.44
N LYS A 182 9.48 -23.58 -7.27
CA LYS A 182 10.08 -23.04 -8.50
C LYS A 182 11.17 -22.07 -8.12
N LYS A 183 12.11 -21.86 -9.01
CA LYS A 183 13.27 -21.01 -8.71
C LYS A 183 13.19 -19.65 -9.43
N ARG A 184 12.48 -19.62 -10.55
CA ARG A 184 12.35 -18.46 -11.44
C ARG A 184 10.92 -18.46 -12.01
N VAL A 185 10.11 -17.50 -11.56
CA VAL A 185 8.70 -17.41 -11.98
C VAL A 185 8.40 -16.11 -12.73
N ILE A 186 7.83 -16.21 -13.92
CA ILE A 186 7.34 -15.01 -14.57
C ILE A 186 5.83 -14.93 -14.41
N VAL A 187 5.39 -13.81 -13.80
CA VAL A 187 3.94 -13.61 -13.55
C VAL A 187 3.41 -12.45 -14.40
N ILE A 188 2.59 -12.85 -15.34
CA ILE A 188 1.94 -11.92 -16.21
C ILE A 188 0.55 -11.66 -15.73
N GLY A 189 0.43 -10.54 -15.01
CA GLY A 189 -0.82 -10.09 -14.41
C GLY A 189 -1.63 -9.34 -15.42
N ILE A 190 -2.78 -9.86 -15.78
CA ILE A 190 -3.58 -9.25 -16.80
C ILE A 190 -4.81 -8.63 -16.18
N SER A 191 -4.90 -7.31 -16.27
CA SER A 191 -6.10 -6.59 -15.85
C SER A 191 -6.23 -5.40 -16.77
N VAL A 192 -7.28 -5.46 -17.57
CA VAL A 192 -7.47 -4.55 -18.60
C VAL A 192 -7.57 -3.17 -18.08
N GLY A 193 -8.25 -3.04 -16.96
CA GLY A 193 -8.50 -1.75 -16.40
C GLY A 193 -7.41 -1.35 -15.43
N LEU A 194 -6.37 -2.16 -15.29
CA LEU A 194 -5.43 -2.04 -14.17
C LEU A 194 -6.29 -1.82 -12.91
N SER A 195 -7.20 -2.76 -12.70
CA SER A 195 -8.26 -2.71 -11.74
C SER A 195 -8.30 -3.86 -10.71
N ALA A 196 -8.02 -5.10 -11.13
CA ALA A 196 -8.49 -6.24 -10.35
C ALA A 196 -7.63 -6.52 -9.12
N PRO A 197 -8.25 -6.54 -7.92
CA PRO A 197 -7.50 -6.80 -6.68
C PRO A 197 -6.78 -8.12 -6.68
N PHE A 198 -7.42 -9.14 -7.25
CA PHE A 198 -6.73 -10.42 -7.60
C PHE A 198 -5.31 -10.21 -8.16
N VAL A 199 -5.14 -9.41 -9.21
CA VAL A 199 -3.82 -9.24 -9.82
C VAL A 199 -2.92 -8.37 -8.95
N ALA A 200 -3.50 -7.30 -8.39
CA ALA A 200 -2.72 -6.32 -7.61
C ALA A 200 -1.87 -7.02 -6.54
N GLY A 201 -2.49 -7.92 -5.82
CA GLY A 201 -1.75 -8.64 -4.80
C GLY A 201 -0.64 -9.53 -5.34
N GLN A 202 -0.85 -10.16 -6.50
CA GLN A 202 0.19 -11.02 -7.09
C GLN A 202 1.41 -10.20 -7.48
N MET A 203 1.13 -9.03 -8.09
CA MET A 203 2.19 -8.14 -8.56
C MET A 203 3.02 -7.66 -7.39
N ASP A 204 2.32 -7.36 -6.28
CA ASP A 204 2.96 -6.83 -5.06
C ASP A 204 3.80 -7.91 -4.39
N CYS A 205 3.24 -9.11 -4.25
CA CYS A 205 3.98 -10.29 -3.78
C CYS A 205 5.27 -10.46 -4.61
N CYS A 206 5.14 -10.44 -5.94
CA CYS A 206 6.31 -10.55 -6.83
C CYS A 206 7.34 -9.54 -6.48
N MET A 207 6.97 -8.28 -6.39
CA MET A 207 8.00 -7.29 -6.06
C MET A 207 8.63 -7.49 -4.66
N ASN A 208 7.97 -8.20 -3.76
CA ASN A 208 8.59 -8.46 -2.48
C ASN A 208 9.59 -9.65 -2.52
N ASN A 209 9.57 -10.45 -3.58
CA ASN A 209 10.57 -11.53 -3.73
C ASN A 209 11.14 -11.63 -5.14
N THR A 210 12.01 -10.69 -5.46
CA THR A 210 12.46 -10.43 -6.82
C THR A 210 13.56 -11.38 -7.27
N ALA A 211 14.21 -12.03 -6.28
CA ALA A 211 15.13 -13.14 -6.51
C ALA A 211 14.43 -14.30 -7.21
N VAL A 212 13.12 -14.45 -6.98
CA VAL A 212 12.34 -15.51 -7.62
C VAL A 212 11.40 -14.97 -8.67
N PHE A 213 10.61 -13.97 -8.31
CA PHE A 213 9.54 -13.53 -9.20
C PHE A 213 9.91 -12.39 -10.12
N LEU A 214 9.41 -12.46 -11.34
CA LEU A 214 9.38 -11.36 -12.23
C LEU A 214 7.92 -11.04 -12.65
N PRO A 215 7.38 -9.90 -12.11
CA PRO A 215 6.06 -9.37 -12.44
C PRO A 215 6.00 -8.60 -13.74
N VAL A 216 5.00 -8.92 -14.56
CA VAL A 216 4.75 -8.21 -15.78
C VAL A 216 3.27 -7.91 -15.81
N LEU A 217 2.93 -6.63 -15.67
CA LEU A 217 1.54 -6.18 -15.63
C LEU A 217 1.07 -5.77 -17.01
N VAL A 218 -0.05 -6.34 -17.43
CA VAL A 218 -0.66 -6.05 -18.70
C VAL A 218 -2.04 -5.52 -18.50
N GLY A 219 -2.38 -4.50 -19.27
CA GLY A 219 -3.62 -3.74 -19.17
C GLY A 219 -3.59 -2.59 -20.15
N PHE A 220 -4.64 -1.80 -20.18
CA PHE A 220 -4.84 -0.86 -21.26
C PHE A 220 -5.25 0.55 -20.81
N ASN A 221 -4.77 0.91 -19.61
CA ASN A 221 -4.89 2.26 -19.14
C ASN A 221 -3.50 2.77 -18.83
N PRO A 222 -3.29 4.08 -18.98
CA PRO A 222 -2.04 4.60 -18.40
C PRO A 222 -2.00 4.37 -16.91
N VAL A 223 -0.82 4.22 -16.36
CA VAL A 223 -0.69 4.06 -14.92
C VAL A 223 -1.29 5.20 -14.08
N SER A 224 -1.32 6.43 -14.57
CA SER A 224 -2.03 7.50 -13.85
C SER A 224 -3.55 7.34 -13.79
N MET A 225 -4.09 6.40 -14.54
CA MET A 225 -5.52 6.11 -14.52
C MET A 225 -5.77 4.75 -13.90
N ALA A 226 -4.74 4.14 -13.33
CA ALA A 226 -4.89 2.83 -12.71
C ALA A 226 -5.79 2.98 -11.52
N ARG A 227 -6.58 1.97 -11.24
CA ARG A 227 -7.52 2.00 -10.10
C ARG A 227 -6.86 2.38 -8.77
N ASN A 228 -7.52 3.28 -8.04
CA ASN A 228 -6.97 3.90 -6.80
C ASN A 228 -7.87 3.93 -5.56
N ASP A 229 -9.02 3.28 -5.56
CA ASP A 229 -9.81 3.09 -4.34
C ASP A 229 -9.31 1.87 -3.52
N PRO A 230 -9.42 1.92 -2.17
CA PRO A 230 -8.86 0.86 -1.31
C PRO A 230 -9.41 -0.55 -1.64
N ILE A 231 -8.56 -1.55 -1.54
CA ILE A 231 -8.93 -2.94 -1.61
C ILE A 231 -9.17 -3.40 -0.19
N GLU A 232 -10.24 -4.17 -0.02
CA GLU A 232 -10.67 -4.57 1.29
C GLU A 232 -9.63 -5.33 2.08
N ASP A 233 -9.01 -6.32 1.47
CA ASP A 233 -8.03 -7.15 2.18
C ASP A 233 -6.56 -6.79 1.85
N TRP A 234 -6.29 -5.55 1.49
CA TRP A 234 -4.89 -5.16 1.09
C TRP A 234 -4.72 -3.64 1.32
N SER A 235 -3.52 -3.27 1.72
CA SER A 235 -3.19 -1.88 2.10
C SER A 235 -2.87 -0.91 0.95
N SER A 236 -2.23 -1.40 -0.10
CA SER A 236 -1.86 -0.60 -1.28
C SER A 236 -2.94 -0.65 -2.31
N THR A 237 -2.92 0.30 -3.24
CA THR A 237 -3.92 0.29 -4.35
C THR A 237 -3.29 -0.22 -5.64
N PHE A 238 -4.08 -0.51 -6.66
CA PHE A 238 -3.51 -0.95 -7.95
C PHE A 238 -2.53 0.10 -8.49
N ARG A 239 -2.95 1.36 -8.41
CA ARG A 239 -2.11 2.47 -8.87
C ARG A 239 -0.75 2.48 -8.21
N GLN A 240 -0.67 2.21 -6.91
CA GLN A 240 0.60 2.28 -6.22
C GLN A 240 1.50 1.16 -6.65
N VAL A 241 0.89 -0.01 -6.74
CA VAL A 241 1.52 -1.18 -7.22
C VAL A 241 2.05 -0.90 -8.62
N ALA A 242 1.19 -0.47 -9.52
CA ALA A 242 1.67 -0.23 -10.88
C ALA A 242 2.76 0.86 -10.92
N GLU A 243 2.62 1.92 -10.10
CA GLU A 243 3.62 2.98 -10.15
C GLU A 243 5.00 2.44 -9.77
N ARG A 244 5.02 1.53 -8.79
CA ARG A 244 6.28 1.00 -8.24
C ARG A 244 6.90 -0.01 -9.16
N MET A 245 6.05 -0.76 -9.90
CA MET A 245 6.53 -1.68 -10.93
C MET A 245 7.23 -0.86 -12.04
N GLN A 246 6.67 0.29 -12.34
CA GLN A 246 7.20 1.11 -13.41
C GLN A 246 8.58 1.65 -13.03
N LYS A 247 8.74 2.08 -11.80
CA LYS A 247 10.05 2.41 -11.28
C LYS A 247 11.01 1.21 -11.30
N MET A 248 10.52 0.00 -11.08
CA MET A 248 11.43 -1.16 -11.16
C MET A 248 11.83 -1.47 -12.58
N GLN A 249 11.06 -1.02 -13.57
CA GLN A 249 11.33 -1.35 -14.95
C GLN A 249 12.66 -0.76 -15.44
N GLU A 250 13.04 0.39 -14.91
CA GLU A 250 14.39 0.97 -15.17
C GLU A 250 15.53 0.02 -14.86
N LYS A 251 15.35 -0.87 -13.89
CA LYS A 251 16.37 -1.86 -13.47
C LYS A 251 16.04 -3.23 -14.07
N GLN A 252 14.98 -3.31 -14.87
CA GLN A 252 14.55 -4.56 -15.56
C GLN A 252 14.04 -5.66 -14.64
N LYS A 253 13.50 -5.30 -13.49
CA LYS A 253 12.99 -6.31 -12.56
C LYS A 253 11.46 -6.31 -12.43
N ALA A 254 10.75 -5.39 -13.09
CA ALA A 254 9.31 -5.48 -13.31
C ALA A 254 9.05 -4.84 -14.61
N PHE A 255 7.88 -5.10 -15.21
CA PHE A 255 7.47 -4.44 -16.41
C PHE A 255 5.99 -4.13 -16.42
N VAL A 256 5.63 -3.00 -17.03
CA VAL A 256 4.26 -2.63 -17.27
C VAL A 256 4.08 -2.47 -18.79
N LEU A 257 3.18 -3.24 -19.37
CA LEU A 257 2.82 -3.20 -20.76
C LEU A 257 1.40 -2.66 -20.90
N ASN A 258 1.26 -1.38 -21.18
CA ASN A 258 -0.05 -0.78 -21.11
C ASN A 258 -0.43 0.17 -22.24
N PRO A 259 -0.62 -0.35 -23.46
CA PRO A 259 -0.97 0.57 -24.55
C PRO A 259 -2.40 0.99 -24.41
N ALA A 260 -2.74 2.21 -24.81
CA ALA A 260 -4.12 2.61 -24.93
C ALA A 260 -4.65 2.01 -26.19
N ILE A 261 -5.89 1.53 -26.13
CA ILE A 261 -6.51 0.96 -27.33
C ILE A 261 -7.85 1.59 -27.60
N GLY A 262 -8.15 2.66 -26.88
CA GLY A 262 -9.39 3.39 -27.02
C GLY A 262 -10.53 2.69 -26.28
N PRO A 263 -11.61 3.40 -25.98
CA PRO A 263 -12.70 2.84 -25.21
C PRO A 263 -13.41 1.69 -25.90
N GLU A 264 -14.14 0.91 -25.10
CA GLU A 264 -14.98 -0.19 -25.60
C GLU A 264 -16.22 0.37 -26.24
N GLY A 265 -16.70 -0.31 -27.30
CA GLY A 265 -17.87 0.15 -28.00
C GLY A 265 -19.12 0.11 -27.10
N LEU A 266 -19.13 -0.87 -26.19
CA LEU A 266 -20.01 -0.85 -25.00
C LEU A 266 -19.18 -0.50 -23.75
N SER A 267 -19.45 0.67 -23.17
CA SER A 267 -18.61 1.25 -22.15
C SER A 267 -18.32 0.25 -21.07
N GLY A 268 -17.03 0.03 -20.83
CA GLY A 268 -16.58 -0.82 -19.77
C GLY A 268 -16.72 -2.29 -20.02
N SER A 269 -17.08 -2.66 -21.25
CA SER A 269 -17.24 -4.08 -21.59
C SER A 269 -15.89 -4.59 -22.04
N SER A 270 -14.95 -4.66 -21.09
CA SER A 270 -13.58 -4.99 -21.41
C SER A 270 -13.36 -6.45 -21.89
N ARG A 271 -14.43 -7.25 -21.96
CA ARG A 271 -14.29 -8.58 -22.53
C ARG A 271 -13.95 -8.50 -24.02
N MET A 272 -14.38 -7.42 -24.65
CA MET A 272 -14.26 -7.20 -26.07
C MET A 272 -12.89 -6.68 -26.50
N LYS A 273 -12.72 -5.38 -26.76
CA LYS A 273 -11.37 -4.95 -27.16
C LYS A 273 -10.31 -5.40 -26.20
N GLY A 274 -10.59 -5.34 -24.89
CA GLY A 274 -9.62 -5.75 -23.89
C GLY A 274 -9.11 -7.19 -23.99
N GLY A 275 -10.04 -8.13 -24.11
CA GLY A 275 -9.62 -9.51 -24.28
C GLY A 275 -8.90 -9.70 -25.63
N SER A 276 -9.39 -9.06 -26.69
CA SER A 276 -8.67 -9.13 -27.98
C SER A 276 -7.24 -8.62 -27.89
N ALA A 277 -7.10 -7.40 -27.37
CA ALA A 277 -5.80 -6.83 -27.27
C ALA A 277 -4.86 -7.68 -26.39
N THR A 278 -5.41 -8.34 -25.39
CA THR A 278 -4.60 -9.15 -24.52
C THR A 278 -3.98 -10.30 -25.36
N LYS A 279 -4.76 -10.95 -26.21
CA LYS A 279 -4.21 -12.01 -27.09
C LYS A 279 -3.16 -11.41 -28.01
N ILE A 280 -3.55 -10.36 -28.71
CA ILE A 280 -2.71 -9.77 -29.73
C ILE A 280 -1.36 -9.54 -29.06
N LEU A 281 -1.42 -8.85 -27.94
CA LEU A 281 -0.21 -8.45 -27.28
C LEU A 281 0.60 -9.60 -26.79
N LEU A 282 -0.02 -10.56 -26.10
CA LEU A 282 0.76 -11.63 -25.45
C LEU A 282 1.18 -12.79 -26.40
N GLU A 283 0.31 -13.16 -27.32
CA GLU A 283 0.66 -14.17 -28.33
C GLU A 283 1.86 -13.65 -29.15
N THR A 284 1.73 -12.43 -29.69
CA THR A 284 2.84 -11.73 -30.34
C THR A 284 4.17 -11.86 -29.61
N LEU A 285 4.17 -11.61 -28.32
CA LEU A 285 5.44 -11.47 -27.61
C LEU A 285 6.02 -12.84 -27.17
N LEU A 286 5.16 -13.78 -26.86
CA LEU A 286 5.62 -15.07 -26.49
C LEU A 286 6.06 -15.90 -27.77
N LEU A 287 5.24 -15.90 -28.83
CA LEU A 287 5.65 -16.50 -30.11
C LEU A 287 7.02 -15.97 -30.56
N ALA A 288 7.22 -14.65 -30.48
CA ALA A 288 8.52 -14.10 -30.77
C ALA A 288 9.66 -14.70 -29.93
N ALA A 289 9.35 -14.91 -28.64
CA ALA A 289 10.39 -15.34 -27.72
C ALA A 289 10.81 -16.76 -28.05
N HIS A 290 9.80 -17.62 -28.27
CA HIS A 290 10.01 -19.01 -28.68
C HIS A 290 10.69 -19.06 -30.04
N LYS A 291 10.03 -18.53 -31.07
CA LYS A 291 10.50 -18.67 -32.43
C LYS A 291 11.89 -18.04 -32.68
N THR A 292 12.43 -17.29 -31.71
CA THR A 292 13.77 -16.72 -31.78
C THR A 292 14.77 -17.31 -30.79
N VAL A 293 14.35 -18.09 -29.79
CA VAL A 293 15.38 -18.79 -28.98
C VAL A 293 16.16 -19.82 -29.78
N ASP A 294 15.42 -20.58 -30.59
CA ASP A 294 16.01 -21.68 -31.33
C ASP A 294 16.76 -21.20 -32.56
N GLN A 295 16.55 -19.93 -32.96
CA GLN A 295 17.38 -19.31 -33.99
C GLN A 295 18.62 -18.63 -33.40
N GLY A 296 18.78 -18.68 -32.07
CA GLY A 296 19.95 -18.13 -31.41
C GLY A 296 20.11 -16.65 -31.70
N ILE A 297 18.99 -15.95 -31.62
CA ILE A 297 18.87 -14.56 -32.04
C ILE A 297 17.96 -13.84 -31.03
N ALA A 298 18.36 -12.65 -30.58
CA ALA A 298 17.51 -11.85 -29.69
C ALA A 298 16.17 -11.54 -30.39
N ALA A 299 15.13 -11.44 -29.60
CA ALA A 299 13.88 -10.92 -30.12
C ALA A 299 14.10 -9.43 -30.44
N SER A 300 13.44 -8.95 -31.48
CA SER A 300 13.62 -7.60 -32.00
C SER A 300 12.23 -7.06 -32.42
N GLN A 301 12.11 -5.74 -32.56
CA GLN A 301 10.87 -5.08 -32.94
C GLN A 301 10.34 -5.65 -34.24
N ARG A 302 11.27 -5.84 -35.20
CA ARG A 302 10.95 -6.47 -36.48
C ARG A 302 10.27 -7.84 -36.31
N CYS A 303 10.73 -8.72 -35.45
CA CYS A 303 9.97 -9.98 -35.35
C CYS A 303 8.57 -9.74 -34.77
N LEU A 304 8.44 -8.89 -33.76
CA LEU A 304 7.11 -8.55 -33.20
C LEU A 304 6.21 -7.93 -34.24
N LEU A 305 6.75 -7.00 -34.99
CA LEU A 305 5.94 -6.30 -35.97
C LEU A 305 5.29 -7.21 -37.01
N GLU A 306 6.04 -8.22 -37.46
CA GLU A 306 5.53 -9.18 -38.44
C GLU A 306 4.25 -9.74 -37.88
N ILE A 307 4.33 -10.25 -36.64
CA ILE A 307 3.14 -10.79 -35.96
C ILE A 307 2.00 -9.76 -35.74
N LEU A 308 2.32 -8.56 -35.29
CA LEU A 308 1.27 -7.54 -35.09
C LEU A 308 0.57 -7.23 -36.38
N ARG A 309 1.34 -7.10 -37.46
CA ARG A 309 0.73 -6.74 -38.77
C ARG A 309 -0.13 -7.87 -39.29
N THR A 310 0.24 -9.08 -38.94
CA THR A 310 -0.57 -10.22 -39.29
C THR A 310 -1.86 -10.14 -38.50
N PHE A 311 -1.75 -9.87 -37.19
CA PHE A 311 -2.98 -9.70 -36.42
C PHE A 311 -3.82 -8.57 -36.96
N GLU A 312 -3.20 -7.53 -37.53
CA GLU A 312 -3.97 -6.37 -38.06
C GLU A 312 -4.65 -6.73 -39.41
N ARG A 313 -3.99 -7.55 -40.23
CA ARG A 313 -4.64 -8.07 -41.47
C ARG A 313 -5.88 -8.82 -41.08
N ALA A 314 -5.74 -9.63 -40.02
CA ALA A 314 -6.81 -10.49 -39.51
C ALA A 314 -8.07 -9.73 -39.15
N HIS A 315 -7.93 -8.50 -38.69
CA HIS A 315 -9.12 -7.65 -38.49
C HIS A 315 -9.77 -7.28 -39.77
N GLN A 316 -8.97 -7.05 -40.80
CA GLN A 316 -9.48 -6.59 -42.08
C GLN A 316 -10.20 -7.75 -42.79
N VAL A 317 -9.52 -8.87 -42.79
CA VAL A 317 -10.04 -10.13 -43.28
C VAL A 317 -11.35 -10.49 -42.58
N THR A 318 -11.37 -10.32 -41.26
CA THR A 318 -12.54 -10.72 -40.49
C THR A 318 -13.73 -9.85 -40.87
N TYR A 319 -13.54 -8.54 -40.90
CA TYR A 319 -14.65 -7.63 -41.06
C TYR A 319 -15.04 -7.40 -42.51
N SER A 320 -14.32 -8.03 -43.44
CA SER A 320 -14.70 -8.00 -44.87
C SER A 320 -15.93 -8.85 -45.06
N GLN A 321 -16.12 -9.85 -44.17
CA GLN A 321 -17.40 -10.55 -44.04
C GLN A 321 -18.49 -9.82 -43.21
N SER A 322 -18.50 -8.48 -43.21
CA SER A 322 -19.49 -7.72 -42.37
C SER A 322 -21.00 -7.94 -42.65
N PRO A 323 -21.40 -8.00 -43.94
CA PRO A 323 -22.84 -8.15 -44.22
C PRO A 323 -23.41 -9.44 -43.66
N LYS A 324 -22.63 -10.52 -43.76
CA LYS A 324 -23.01 -11.84 -43.24
C LYS A 324 -22.98 -11.80 -41.73
N ILE A 325 -22.01 -11.08 -41.16
CA ILE A 325 -21.97 -10.90 -39.70
C ILE A 325 -23.24 -10.20 -39.23
N ALA A 326 -23.63 -9.12 -39.88
CA ALA A 326 -24.94 -8.50 -39.60
C ALA A 326 -26.12 -9.46 -39.66
N THR A 327 -26.16 -10.30 -40.69
CA THR A 327 -27.29 -11.24 -40.89
C THR A 327 -27.37 -12.29 -39.75
N LEU A 328 -26.23 -12.87 -39.36
CA LEU A 328 -26.16 -13.74 -38.17
C LEU A 328 -26.65 -12.99 -36.94
N MET A 329 -26.34 -11.70 -36.86
CA MET A 329 -26.79 -10.88 -35.73
C MET A 329 -28.31 -10.84 -35.73
N LYS A 330 -28.89 -10.46 -36.87
CA LYS A 330 -30.35 -10.44 -37.00
C LYS A 330 -31.01 -11.78 -36.62
N SER A 331 -30.38 -12.92 -36.91
CA SER A 331 -30.98 -14.20 -36.54
C SER A 331 -30.76 -14.61 -35.06
N VAL A 332 -29.68 -14.11 -34.43
CA VAL A 332 -29.51 -14.33 -32.99
C VAL A 332 -30.50 -13.46 -32.23
N SER A 333 -30.69 -12.24 -32.72
CA SER A 333 -31.61 -11.33 -32.10
C SER A 333 -33.07 -11.74 -32.24
N THR A 334 -33.46 -12.24 -33.43
CA THR A 334 -34.83 -12.74 -33.66
C THR A 334 -35.16 -13.85 -32.65
N SER A 335 -34.31 -14.87 -32.59
CA SER A 335 -34.49 -16.03 -31.71
C SER A 335 -34.68 -15.69 -30.21
N LEU A 336 -34.14 -14.55 -29.80
CA LEU A 336 -34.24 -14.08 -28.44
C LEU A 336 -35.36 -13.08 -28.27
N GLU A 337 -35.73 -12.40 -29.36
CA GLU A 337 -36.87 -11.50 -29.34
C GLU A 337 -38.13 -12.30 -29.13
N LYS A 338 -38.17 -13.48 -29.73
CA LYS A 338 -39.24 -14.44 -29.49
C LYS A 338 -38.93 -14.95 -28.07
N LYS A 339 -38.65 -16.22 -27.85
CA LYS A 339 -38.10 -16.56 -26.53
C LYS A 339 -37.31 -17.84 -26.60
N GLY A 340 -36.60 -17.99 -27.70
CA GLY A 340 -35.84 -19.19 -28.00
C GLY A 340 -34.42 -19.09 -27.49
N HIS A 341 -33.56 -19.96 -27.99
CA HIS A 341 -32.21 -20.07 -27.52
C HIS A 341 -31.28 -19.99 -28.73
N VAL A 342 -29.97 -20.02 -28.47
CA VAL A 342 -28.93 -19.87 -29.48
C VAL A 342 -27.75 -20.75 -29.10
N TYR A 343 -27.31 -21.55 -30.04
CA TYR A 343 -26.36 -22.58 -29.73
C TYR A 343 -25.11 -22.31 -30.59
N LEU A 344 -23.94 -22.47 -29.99
CA LEU A 344 -22.71 -22.13 -30.60
C LEU A 344 -21.92 -23.40 -30.54
N VAL A 345 -21.63 -23.96 -31.71
CA VAL A 345 -21.13 -25.32 -31.74
C VAL A 345 -19.81 -25.34 -32.47
N GLY A 346 -18.76 -25.76 -31.79
CA GLY A 346 -17.44 -25.60 -32.34
C GLY A 346 -16.47 -26.64 -31.89
N TRP A 347 -15.34 -26.71 -32.60
CA TRP A 347 -14.41 -27.79 -32.41
C TRP A 347 -13.09 -27.22 -31.94
N GLN A 348 -12.30 -28.06 -31.31
CA GLN A 348 -11.15 -27.64 -30.53
C GLN A 348 -11.34 -26.24 -29.96
N THR A 349 -10.29 -25.44 -30.06
CA THR A 349 -10.18 -24.17 -29.41
C THR A 349 -11.30 -23.24 -29.79
N LEU A 350 -11.76 -23.27 -31.02
CA LEU A 350 -12.87 -22.39 -31.37
C LEU A 350 -14.14 -22.75 -30.63
N GLY A 351 -14.30 -24.00 -30.23
CA GLY A 351 -15.47 -24.36 -29.41
C GLY A 351 -15.45 -23.64 -28.07
N ILE A 352 -14.28 -23.68 -27.42
CA ILE A 352 -14.04 -23.08 -26.13
C ILE A 352 -14.43 -21.62 -26.15
N ILE A 353 -13.88 -20.88 -27.10
CA ILE A 353 -14.20 -19.49 -27.32
C ILE A 353 -15.70 -19.28 -27.44
N ALA A 354 -16.40 -20.25 -28.04
CA ALA A 354 -17.88 -20.16 -28.16
C ALA A 354 -18.57 -20.19 -26.78
N ILE A 355 -18.00 -21.00 -25.91
CA ILE A 355 -18.50 -21.19 -24.58
C ILE A 355 -18.28 -19.89 -23.82
N MET A 356 -17.06 -19.38 -23.96
CA MET A 356 -16.69 -18.20 -23.30
C MET A 356 -17.57 -17.09 -23.74
N ASP A 357 -17.90 -17.00 -25.03
CA ASP A 357 -18.79 -15.90 -25.40
C ASP A 357 -20.16 -16.01 -24.77
N GLY A 358 -20.68 -17.24 -24.69
CA GLY A 358 -22.03 -17.46 -24.16
C GLY A 358 -22.17 -17.16 -22.67
N VAL A 359 -21.24 -17.69 -21.90
CA VAL A 359 -21.17 -17.42 -20.48
C VAL A 359 -21.07 -15.91 -20.18
N GLU A 360 -20.24 -15.19 -20.93
CA GLU A 360 -20.09 -13.76 -20.70
C GLU A 360 -21.40 -13.02 -20.89
N CYS A 361 -22.32 -13.59 -21.66
CA CYS A 361 -23.61 -12.94 -21.92
C CYS A 361 -24.48 -12.89 -20.68
N ILE A 362 -24.18 -13.75 -19.70
CA ILE A 362 -24.95 -13.85 -18.47
C ILE A 362 -24.81 -12.55 -17.69
N HIS A 363 -23.58 -12.23 -17.29
CA HIS A 363 -23.35 -11.01 -16.54
C HIS A 363 -23.41 -9.79 -17.44
N THR A 364 -22.95 -9.90 -18.68
CA THR A 364 -22.90 -8.71 -19.49
C THR A 364 -24.29 -8.21 -19.83
N PHE A 365 -25.23 -9.11 -20.06
CA PHE A 365 -26.58 -8.67 -20.47
C PHE A 365 -27.78 -9.03 -19.56
N GLY A 366 -27.50 -9.69 -18.43
CA GLY A 366 -28.56 -10.15 -17.58
C GLY A 366 -29.30 -11.31 -18.23
N ALA A 367 -28.56 -12.20 -18.87
CA ALA A 367 -29.17 -13.16 -19.78
C ALA A 367 -28.97 -14.53 -19.20
N ASP A 368 -29.96 -15.41 -19.41
CA ASP A 368 -29.98 -16.78 -18.88
C ASP A 368 -28.95 -17.65 -19.59
N PHE A 369 -28.33 -18.60 -18.90
CA PHE A 369 -27.29 -19.44 -19.53
C PHE A 369 -27.75 -20.19 -20.79
N ARG A 370 -29.06 -20.40 -20.91
CA ARG A 370 -29.63 -21.02 -22.10
C ARG A 370 -29.64 -20.04 -23.29
N ASP A 371 -29.71 -18.74 -23.02
CA ASP A 371 -29.89 -17.74 -24.09
C ASP A 371 -28.86 -17.85 -25.23
N VAL A 372 -27.58 -17.82 -24.87
CA VAL A 372 -26.50 -18.01 -25.81
C VAL A 372 -25.54 -18.98 -25.12
N ARG A 373 -25.57 -20.24 -25.54
CA ARG A 373 -24.83 -21.31 -24.89
C ARG A 373 -23.73 -21.79 -25.86
N GLY A 374 -22.55 -22.09 -25.34
CA GLY A 374 -21.48 -22.64 -26.16
C GLY A 374 -21.31 -24.12 -25.91
N PHE A 375 -20.70 -24.79 -26.89
CA PHE A 375 -20.58 -26.25 -26.94
C PHE A 375 -19.30 -26.65 -27.65
N LEU A 376 -18.47 -27.47 -27.03
CA LEU A 376 -17.27 -28.04 -27.66
C LEU A 376 -17.44 -29.53 -28.00
N ILE A 377 -17.08 -29.90 -29.22
CA ILE A 377 -17.04 -31.29 -29.66
C ILE A 377 -15.60 -31.77 -29.83
N PHE A 397 -20.74 -28.64 -21.20
CA PHE A 397 -20.21 -27.66 -22.21
C PHE A 397 -19.39 -28.41 -23.27
N THR A 398 -18.83 -29.54 -22.86
CA THR A 398 -17.89 -30.32 -23.65
C THR A 398 -18.54 -31.63 -24.21
N PHE A 399 -19.73 -31.52 -24.80
CA PHE A 399 -20.50 -32.72 -25.17
C PHE A 399 -20.16 -33.33 -26.55
N SER A 400 -19.81 -34.61 -26.53
CA SER A 400 -19.39 -35.39 -27.71
C SER A 400 -20.46 -35.55 -28.82
N GLN A 401 -20.05 -36.09 -29.98
CA GLN A 401 -20.91 -36.13 -31.19
C GLN A 401 -22.33 -36.67 -30.99
N GLU A 402 -22.41 -37.93 -30.58
CA GLU A 402 -23.71 -38.57 -30.32
C GLU A 402 -24.35 -37.88 -29.11
N ASP A 403 -23.59 -37.73 -28.04
CA ASP A 403 -24.06 -37.06 -26.81
C ASP A 403 -24.87 -35.77 -27.10
N PHE A 404 -24.35 -34.91 -27.97
CA PHE A 404 -25.09 -33.72 -28.38
C PHE A 404 -26.40 -34.14 -29.09
N LEU A 405 -26.28 -35.08 -30.04
CA LEU A 405 -27.45 -35.59 -30.77
C LEU A 405 -28.52 -36.23 -29.85
N THR A 406 -28.10 -36.95 -28.81
CA THR A 406 -29.06 -37.57 -27.89
C THR A 406 -29.57 -36.57 -26.84
N SER A 407 -28.68 -35.82 -26.18
CA SER A 407 -29.07 -34.88 -25.11
C SER A 407 -29.75 -33.60 -25.60
N ILE A 408 -29.04 -32.82 -26.40
CA ILE A 408 -29.41 -31.43 -26.69
C ILE A 408 -30.38 -31.32 -27.89
N LEU A 409 -30.08 -32.08 -28.94
CA LEU A 409 -30.88 -32.06 -30.18
C LEU A 409 -32.43 -32.11 -29.97
N PRO A 410 -32.93 -33.00 -29.08
CA PRO A 410 -34.36 -33.02 -28.72
C PRO A 410 -35.03 -31.65 -28.53
N SER A 411 -34.39 -30.79 -27.74
CA SER A 411 -34.98 -29.53 -27.26
C SER A 411 -35.02 -28.36 -28.26
N LEU A 412 -34.40 -28.54 -29.44
CA LEU A 412 -34.39 -27.51 -30.49
C LEU A 412 -35.78 -27.28 -31.08
N THR A 413 -35.94 -26.22 -31.86
CA THR A 413 -37.26 -25.65 -32.12
C THR A 413 -37.22 -24.72 -33.33
N GLU A 414 -38.36 -24.56 -34.00
CA GLU A 414 -38.46 -23.78 -35.25
C GLU A 414 -37.74 -22.41 -35.18
N ILE A 415 -37.81 -21.75 -34.02
CA ILE A 415 -37.35 -20.35 -33.87
C ILE A 415 -35.93 -20.14 -33.32
N ASP A 416 -35.30 -21.22 -32.82
CA ASP A 416 -33.91 -21.20 -32.33
C ASP A 416 -32.89 -20.79 -33.41
N THR A 417 -31.60 -20.79 -33.04
CA THR A 417 -30.49 -20.50 -33.96
C THR A 417 -29.26 -21.28 -33.55
N VAL A 418 -28.68 -22.03 -34.48
CA VAL A 418 -27.52 -22.89 -34.20
C VAL A 418 -26.36 -22.51 -35.11
N VAL A 419 -25.21 -22.25 -34.50
CA VAL A 419 -24.05 -21.71 -35.21
C VAL A 419 -22.87 -22.67 -35.14
N PHE A 420 -22.41 -23.08 -36.31
CA PHE A 420 -21.33 -24.03 -36.38
C PHE A 420 -20.02 -23.36 -36.74
N ILE A 421 -18.96 -23.79 -36.05
CA ILE A 421 -17.74 -23.01 -36.01
C ILE A 421 -16.59 -23.99 -36.02
N PHE A 422 -15.88 -24.02 -37.14
CA PHE A 422 -14.91 -25.08 -37.38
C PHE A 422 -13.96 -24.60 -38.47
N THR A 423 -12.80 -25.25 -38.57
CA THR A 423 -11.94 -25.13 -39.76
C THR A 423 -12.21 -26.27 -40.74
N LEU A 424 -11.59 -26.21 -41.90
CA LEU A 424 -11.64 -27.35 -42.84
C LEU A 424 -10.65 -28.40 -42.43
N ASP A 425 -9.67 -28.08 -41.57
CA ASP A 425 -8.80 -29.14 -41.03
C ASP A 425 -9.50 -29.96 -39.93
N ASP A 426 -10.80 -29.79 -39.68
CA ASP A 426 -11.34 -30.33 -38.42
C ASP A 426 -11.75 -31.81 -38.28
N ASN A 427 -12.32 -32.43 -39.32
CA ASN A 427 -13.14 -33.65 -39.19
C ASN A 427 -14.59 -33.26 -39.56
N LEU A 428 -14.81 -33.12 -40.85
CA LEU A 428 -16.08 -32.60 -41.36
C LEU A 428 -17.18 -33.65 -41.50
N THR A 429 -16.88 -34.91 -41.14
CA THR A 429 -17.90 -35.98 -41.05
C THR A 429 -18.62 -35.85 -39.70
N GLU A 430 -17.83 -35.68 -38.64
CA GLU A 430 -18.37 -35.37 -37.31
C GLU A 430 -19.24 -34.10 -37.33
N VAL A 431 -18.98 -33.22 -38.31
CA VAL A 431 -19.65 -31.92 -38.47
C VAL A 431 -20.94 -31.98 -39.29
N GLN A 432 -20.84 -32.43 -40.54
CA GLN A 432 -22.01 -32.54 -41.43
C GLN A 432 -23.15 -33.34 -40.81
N THR A 433 -22.82 -34.42 -40.09
CA THR A 433 -23.82 -35.23 -39.39
C THR A 433 -24.71 -34.35 -38.50
N ILE A 434 -24.07 -33.53 -37.67
CA ILE A 434 -24.76 -32.78 -36.64
C ILE A 434 -25.60 -31.69 -37.29
N VAL A 435 -25.13 -31.20 -38.43
CA VAL A 435 -25.89 -30.20 -39.16
C VAL A 435 -27.04 -30.88 -39.90
N GLU A 436 -26.77 -32.03 -40.52
CA GLU A 436 -27.82 -32.78 -41.23
C GLU A 436 -29.00 -32.92 -40.27
N GLN A 437 -28.69 -33.35 -39.05
CA GLN A 437 -29.69 -33.59 -38.01
C GLN A 437 -30.35 -32.31 -37.49
N VAL A 438 -29.53 -31.34 -37.08
CA VAL A 438 -30.02 -30.04 -36.57
C VAL A 438 -30.90 -29.31 -37.60
N LYS A 439 -30.61 -29.48 -38.88
CA LYS A 439 -31.44 -28.90 -39.94
C LYS A 439 -32.92 -29.27 -39.81
N GLU A 440 -33.18 -30.55 -39.54
CA GLU A 440 -34.56 -31.05 -39.46
C GLU A 440 -35.40 -30.28 -38.45
N LYS A 441 -34.98 -30.31 -37.19
CA LYS A 441 -35.64 -29.55 -36.11
C LYS A 441 -35.45 -27.99 -36.24
N THR A 442 -34.35 -27.49 -36.82
CA THR A 442 -34.07 -26.00 -36.85
C THR A 442 -34.45 -25.16 -38.10
N ASN A 443 -33.61 -25.23 -39.14
CA ASN A 443 -33.61 -24.27 -40.30
C ASN A 443 -32.84 -22.90 -40.14
N HIS A 444 -32.99 -22.18 -39.02
CA HIS A 444 -32.13 -21.00 -38.77
C HIS A 444 -30.69 -21.41 -38.39
N ILE A 445 -29.96 -22.05 -39.29
CA ILE A 445 -28.54 -22.31 -39.06
C ILE A 445 -27.73 -21.35 -39.93
N GLN A 446 -26.50 -21.05 -39.51
CA GLN A 446 -25.47 -20.34 -40.31
C GLN A 446 -24.14 -20.97 -39.83
N ALA A 447 -23.01 -20.60 -40.42
CA ALA A 447 -21.73 -21.17 -39.95
C ALA A 447 -20.50 -20.28 -40.15
N LEU A 448 -19.42 -20.65 -39.45
CA LEU A 448 -18.17 -19.90 -39.41
C LEU A 448 -17.04 -20.86 -39.73
N ALA A 449 -16.62 -20.82 -40.99
CA ALA A 449 -15.62 -21.76 -41.49
C ALA A 449 -14.32 -21.05 -41.81
N HIS A 450 -13.26 -21.47 -41.14
CA HIS A 450 -11.93 -20.95 -41.39
C HIS A 450 -11.16 -21.91 -42.30
N SER A 451 -10.50 -21.35 -43.33
CA SER A 451 -9.79 -22.15 -44.34
C SER A 451 -8.57 -21.45 -44.87
N THR A 452 -7.52 -22.22 -45.14
CA THR A 452 -6.45 -21.77 -46.03
C THR A 452 -7.00 -21.67 -47.48
N VAL A 453 -6.52 -20.69 -48.27
CA VAL A 453 -6.93 -20.52 -49.70
C VAL A 453 -6.67 -21.80 -50.48
N GLY A 454 -7.70 -22.28 -51.20
CA GLY A 454 -7.58 -23.51 -52.00
C GLY A 454 -7.91 -24.81 -51.28
N GLN A 455 -8.48 -24.70 -50.08
CA GLN A 455 -9.19 -25.80 -49.46
C GLN A 455 -10.62 -25.66 -49.96
N THR A 456 -11.33 -26.78 -50.09
CA THR A 456 -12.68 -26.73 -50.64
C THR A 456 -13.65 -27.36 -49.67
N LEU A 457 -14.86 -26.84 -49.67
CA LEU A 457 -15.85 -27.27 -48.71
C LEU A 457 -16.58 -28.49 -49.29
N PRO A 458 -16.31 -29.72 -48.75
CA PRO A 458 -16.99 -30.93 -49.24
C PRO A 458 -18.51 -30.79 -49.28
N ILE A 459 -19.15 -31.59 -50.14
CA ILE A 459 -20.57 -31.43 -50.51
C ILE A 459 -20.75 -30.04 -51.18
N PRO A 460 -20.79 -29.98 -52.53
CA PRO A 460 -21.16 -28.70 -53.24
C PRO A 460 -22.61 -28.25 -52.95
N LEU A 461 -23.44 -29.21 -52.52
CA LEU A 461 -24.69 -28.95 -51.81
C LEU A 461 -24.48 -28.78 -50.28
N LYS A 462 -23.27 -28.42 -49.85
CA LYS A 462 -23.08 -27.98 -48.47
C LYS A 462 -23.86 -26.70 -48.49
N LYS A 463 -25.16 -26.91 -48.57
CA LYS A 463 -26.16 -25.88 -48.69
C LYS A 463 -27.49 -26.57 -48.36
N LEU A 464 -27.67 -27.22 -47.19
CA LEU A 464 -26.97 -27.04 -45.87
C LEU A 464 -26.65 -25.58 -45.51
N PHE A 465 -25.46 -25.08 -45.87
CA PHE A 465 -25.14 -23.66 -45.73
C PHE A 465 -25.15 -22.88 -47.06
N PRO A 466 -26.34 -22.37 -47.47
CA PRO A 466 -26.38 -21.49 -48.65
C PRO A 466 -25.28 -20.40 -48.63
N SER A 467 -25.35 -19.45 -47.69
CA SER A 467 -24.42 -18.30 -47.67
C SER A 467 -23.53 -18.22 -46.40
N ILE A 468 -22.77 -19.29 -46.18
CA ILE A 468 -21.69 -19.35 -45.19
C ILE A 468 -20.91 -18.04 -44.94
N ILE A 469 -20.21 -18.05 -43.79
CA ILE A 469 -19.20 -17.09 -43.48
C ILE A 469 -17.87 -17.81 -43.68
N SER A 470 -17.39 -17.73 -44.91
CA SER A 470 -16.09 -18.28 -45.21
C SER A 470 -15.11 -17.17 -44.91
N ILE A 471 -14.24 -17.48 -43.97
CA ILE A 471 -13.06 -16.69 -43.76
C ILE A 471 -11.93 -17.56 -44.26
N THR A 472 -11.24 -16.99 -45.22
CA THR A 472 -10.27 -17.72 -45.99
C THR A 472 -8.97 -16.96 -45.79
N TRP A 473 -7.97 -17.64 -45.25
CA TRP A 473 -6.68 -17.07 -44.88
C TRP A 473 -5.62 -17.26 -45.95
N PRO A 474 -4.80 -16.23 -46.22
CA PRO A 474 -3.61 -16.41 -46.99
C PRO A 474 -2.76 -17.59 -46.55
N LEU A 475 -1.78 -17.93 -47.38
CA LEU A 475 -0.74 -18.88 -47.02
C LEU A 475 0.38 -18.05 -46.39
N LEU A 476 0.62 -18.24 -45.10
CA LEU A 476 1.72 -17.56 -44.41
C LEU A 476 2.83 -18.57 -44.19
N PHE A 477 4.02 -18.07 -43.84
CA PHE A 477 5.23 -18.91 -43.71
C PHE A 477 5.47 -19.33 -42.26
N PHE A 478 4.81 -20.41 -41.86
CA PHE A 478 4.91 -20.97 -40.50
C PHE A 478 5.98 -22.05 -40.41
N GLU A 479 6.63 -22.13 -39.27
CA GLU A 479 7.76 -23.04 -39.09
C GLU A 479 7.59 -24.00 -37.89
N TYR A 480 6.90 -23.58 -36.83
CA TYR A 480 6.50 -24.52 -35.79
C TYR A 480 5.31 -25.35 -36.26
N GLU A 481 5.19 -26.53 -35.67
CA GLU A 481 4.56 -27.70 -36.32
C GLU A 481 3.04 -27.88 -36.12
N GLY A 482 2.44 -27.12 -35.18
CA GLY A 482 0.96 -26.99 -35.05
C GLY A 482 0.38 -25.74 -35.73
N ASN A 483 1.26 -25.01 -36.44
CA ASN A 483 0.97 -23.72 -37.11
C ASN A 483 0.30 -22.67 -36.18
N PHE A 484 1.07 -22.24 -35.18
CA PHE A 484 0.49 -21.52 -34.07
C PHE A 484 -0.07 -20.17 -34.48
N ILE A 485 0.55 -19.50 -35.44
CA ILE A 485 0.10 -18.19 -35.87
C ILE A 485 -1.25 -18.33 -36.57
N GLN A 486 -1.47 -19.44 -37.24
CA GLN A 486 -2.77 -19.73 -37.88
C GLN A 486 -3.85 -19.95 -36.83
N LYS A 487 -3.47 -20.63 -35.75
CA LYS A 487 -4.37 -20.82 -34.62
C LYS A 487 -4.78 -19.42 -34.08
N PHE A 488 -3.79 -18.58 -33.78
CA PHE A 488 -4.07 -17.28 -33.15
C PHE A 488 -4.94 -16.39 -33.99
N GLN A 489 -4.68 -16.36 -35.29
CA GLN A 489 -5.53 -15.61 -36.24
C GLN A 489 -6.94 -16.02 -36.14
N ARG A 490 -7.14 -17.33 -36.04
CA ARG A 490 -8.49 -17.88 -36.19
C ARG A 490 -9.33 -17.72 -34.90
N GLU A 491 -8.69 -18.03 -33.79
CA GLU A 491 -9.19 -17.71 -32.46
C GLU A 491 -9.66 -16.25 -32.44
N LEU A 492 -8.74 -15.33 -32.77
CA LEU A 492 -9.07 -13.90 -32.66
C LEU A 492 -10.24 -13.52 -33.56
N SER A 493 -10.24 -14.10 -34.75
CA SER A 493 -11.24 -13.70 -35.73
C SER A 493 -12.61 -14.24 -35.27
N THR A 494 -12.65 -15.47 -34.77
CA THR A 494 -13.91 -16.01 -34.17
C THR A 494 -14.40 -15.14 -32.98
N LYS A 495 -13.47 -14.83 -32.05
CA LYS A 495 -13.77 -13.89 -30.93
C LYS A 495 -14.45 -12.65 -31.42
N TRP A 496 -13.85 -12.02 -32.42
CA TRP A 496 -14.41 -10.78 -32.92
C TRP A 496 -15.81 -10.97 -33.44
N VAL A 497 -16.01 -12.10 -34.15
CA VAL A 497 -17.32 -12.36 -34.73
C VAL A 497 -18.32 -12.66 -33.63
N LEU A 498 -18.01 -13.60 -32.79
CA LEU A 498 -18.98 -13.93 -31.75
C LEU A 498 -19.28 -12.73 -30.84
N ASN A 499 -18.24 -12.01 -30.36
CA ASN A 499 -18.43 -10.83 -29.51
C ASN A 499 -19.39 -9.83 -30.18
N THR A 500 -19.15 -9.55 -31.47
CA THR A 500 -19.89 -8.53 -32.19
C THR A 500 -21.31 -9.03 -32.41
N VAL A 501 -21.42 -10.31 -32.67
CA VAL A 501 -22.72 -10.97 -32.80
C VAL A 501 -23.48 -10.87 -31.47
N SER A 502 -22.87 -11.43 -30.41
CA SER A 502 -23.57 -11.58 -29.12
C SER A 502 -23.93 -10.23 -28.63
N THR A 503 -22.99 -9.29 -28.76
CA THR A 503 -23.22 -7.95 -28.23
C THR A 503 -24.26 -7.26 -29.07
N GLY A 504 -24.14 -7.40 -30.39
CA GLY A 504 -25.07 -6.74 -31.32
C GLY A 504 -26.50 -7.21 -31.11
N ALA A 505 -26.69 -8.54 -31.09
CA ALA A 505 -28.03 -9.11 -30.92
C ALA A 505 -28.73 -8.40 -29.76
N HIS A 506 -28.05 -8.29 -28.61
CA HIS A 506 -28.65 -7.72 -27.41
C HIS A 506 -28.93 -6.24 -27.51
N VAL A 507 -28.10 -5.51 -28.26
CA VAL A 507 -28.31 -4.08 -28.40
C VAL A 507 -29.61 -3.85 -29.19
N LEU A 508 -29.83 -4.67 -30.22
CA LEU A 508 -31.02 -4.57 -31.05
C LEU A 508 -32.28 -4.76 -30.24
N LEU A 509 -32.24 -5.67 -29.26
CA LEU A 509 -33.35 -5.91 -28.33
C LEU A 509 -33.62 -4.77 -27.37
N GLY A 510 -32.87 -3.68 -27.46
CA GLY A 510 -33.16 -2.46 -26.70
C GLY A 510 -32.61 -2.44 -25.26
N LYS A 511 -31.75 -3.40 -24.92
CA LYS A 511 -31.24 -3.54 -23.55
C LYS A 511 -30.07 -2.62 -23.18
N ILE A 512 -29.65 -1.77 -24.12
CA ILE A 512 -28.46 -0.90 -23.93
C ILE A 512 -28.94 0.53 -24.05
N LEU A 513 -28.53 1.37 -23.11
CA LEU A 513 -28.93 2.76 -23.08
C LEU A 513 -27.76 3.62 -23.59
N GLN A 514 -27.94 4.22 -24.77
CA GLN A 514 -26.86 4.83 -25.55
C GLN A 514 -25.73 3.81 -25.82
N ASN A 515 -24.59 3.93 -25.12
CA ASN A 515 -23.56 2.85 -25.11
C ASN A 515 -23.18 2.40 -23.72
N HIS A 516 -24.19 2.39 -22.86
CA HIS A 516 -24.05 1.94 -21.51
C HIS A 516 -25.02 0.79 -21.25
N MET A 517 -24.55 -0.18 -20.48
CA MET A 517 -25.45 -1.15 -19.90
C MET A 517 -25.84 -0.64 -18.50
N LEU A 518 -26.96 0.06 -18.49
CA LEU A 518 -27.58 0.59 -17.27
C LEU A 518 -27.97 -0.46 -16.25
N ASP A 519 -28.57 -1.54 -16.72
CA ASP A 519 -29.29 -2.45 -15.84
C ASP A 519 -28.45 -3.65 -15.55
N LEU A 520 -27.27 -3.40 -15.06
CA LEU A 520 -26.35 -4.46 -14.79
C LEU A 520 -26.54 -4.96 -13.38
N ARG A 521 -25.96 -6.11 -13.12
CA ARG A 521 -26.03 -6.72 -11.81
C ARG A 521 -24.74 -6.39 -11.09
N ILE A 522 -24.86 -5.71 -9.96
CA ILE A 522 -23.70 -5.36 -9.17
C ILE A 522 -23.14 -6.60 -8.49
N SER A 523 -22.08 -7.18 -9.04
CA SER A 523 -21.53 -8.40 -8.43
C SER A 523 -20.09 -8.31 -8.01
N ASN A 524 -19.53 -7.11 -8.15
CA ASN A 524 -18.22 -6.83 -7.58
C ASN A 524 -18.13 -5.33 -7.41
N SER A 525 -17.04 -4.88 -6.81
CA SER A 525 -16.84 -3.49 -6.44
C SER A 525 -16.76 -2.58 -7.68
N LYS A 526 -16.02 -3.02 -8.69
CA LYS A 526 -15.93 -2.23 -9.92
C LYS A 526 -17.29 -1.93 -10.56
N LEU A 527 -18.15 -2.92 -10.55
CA LEU A 527 -19.46 -2.79 -11.07
C LEU A 527 -20.26 -1.85 -10.15
N PHE A 528 -19.99 -1.89 -8.85
CA PHE A 528 -20.73 -0.99 -7.96
C PHE A 528 -20.31 0.42 -8.34
N TRP A 529 -19.01 0.64 -8.54
CA TRP A 529 -18.59 2.01 -8.96
C TRP A 529 -19.16 2.44 -10.31
N ARG A 530 -19.23 1.52 -11.26
CA ARG A 530 -19.79 1.82 -12.57
C ARG A 530 -21.29 2.16 -12.49
N ALA A 531 -22.04 1.47 -11.65
CA ALA A 531 -23.43 1.88 -11.38
C ALA A 531 -23.47 3.31 -10.91
N LEU A 532 -22.69 3.61 -9.87
CA LEU A 532 -22.69 4.98 -9.32
C LEU A 532 -22.40 6.05 -10.38
N ALA A 533 -21.38 5.81 -11.18
CA ALA A 533 -21.05 6.73 -12.27
C ALA A 533 -22.17 6.87 -13.27
N MET A 534 -22.83 5.78 -13.60
CA MET A 534 -23.92 5.86 -14.57
C MET A 534 -25.06 6.65 -13.95
N LEU A 535 -25.32 6.48 -12.66
CA LEU A 535 -26.28 7.36 -11.98
C LEU A 535 -25.88 8.85 -12.07
N GLN A 536 -24.65 9.23 -11.70
CA GLN A 536 -24.27 10.67 -11.80
C GLN A 536 -24.52 11.26 -13.20
N ARG A 537 -24.11 10.53 -14.23
CA ARG A 537 -24.15 10.97 -15.61
C ARG A 537 -25.60 11.15 -16.10
N PHE A 538 -26.41 10.13 -15.90
CA PHE A 538 -27.77 10.12 -16.41
C PHE A 538 -28.65 11.09 -15.64
N SER A 539 -28.46 11.19 -14.33
CA SER A 539 -29.28 12.13 -13.51
C SER A 539 -28.72 13.55 -13.46
N GLY A 540 -27.42 13.72 -13.59
CA GLY A 540 -26.81 15.05 -13.44
C GLY A 540 -26.79 15.56 -12.00
N GLN A 541 -27.11 14.70 -11.04
CA GLN A 541 -27.30 15.10 -9.64
C GLN A 541 -26.08 14.70 -8.80
N SER A 542 -26.01 15.21 -7.56
CA SER A 542 -24.76 15.18 -6.80
C SER A 542 -24.35 13.76 -6.46
N LYS A 543 -23.11 13.60 -6.02
CA LYS A 543 -22.64 12.25 -5.71
C LYS A 543 -23.32 11.72 -4.47
N ALA A 544 -23.61 12.62 -3.54
CA ALA A 544 -24.26 12.27 -2.27
C ALA A 544 -25.69 11.76 -2.50
N ARG A 545 -26.41 12.42 -3.39
CA ARG A 545 -27.75 11.98 -3.70
C ARG A 545 -27.71 10.67 -4.49
N CYS A 546 -26.76 10.54 -5.40
CA CYS A 546 -26.69 9.34 -6.22
C CYS A 546 -26.36 8.16 -5.36
N ILE A 547 -25.37 8.29 -4.50
CA ILE A 547 -25.01 7.24 -3.54
C ILE A 547 -26.18 6.90 -2.66
N GLU A 548 -26.87 7.91 -2.14
CA GLU A 548 -28.01 7.65 -1.25
C GLU A 548 -29.10 6.86 -2.01
N SER A 549 -29.40 7.26 -3.21
CA SER A 549 -30.41 6.54 -3.92
C SER A 549 -30.00 5.06 -4.19
N LEU A 550 -28.74 4.86 -4.58
CA LEU A 550 -28.18 3.53 -4.86
C LEU A 550 -28.24 2.64 -3.67
N LEU A 551 -27.72 3.13 -2.57
CA LEU A 551 -27.73 2.34 -1.35
C LEU A 551 -29.15 2.10 -0.83
N ARG A 552 -30.03 3.06 -0.98
CA ARG A 552 -31.45 2.82 -0.64
C ARG A 552 -32.06 1.67 -1.52
N ALA A 553 -31.83 1.79 -2.83
CA ALA A 553 -32.28 0.75 -3.79
C ALA A 553 -31.73 -0.62 -3.46
N ILE A 554 -30.46 -0.67 -3.07
CA ILE A 554 -29.82 -1.94 -2.76
C ILE A 554 -30.42 -2.55 -1.52
N HIS A 555 -30.54 -1.76 -0.46
CA HIS A 555 -30.87 -2.31 0.83
C HIS A 555 -32.33 -2.21 1.18
N PHE A 556 -33.16 -1.60 0.34
CA PHE A 556 -34.64 -1.69 0.51
C PHE A 556 -35.02 -3.11 0.82
N PRO A 557 -35.90 -3.32 1.79
CA PRO A 557 -36.71 -2.40 2.57
C PRO A 557 -36.04 -1.78 3.83
N GLN A 558 -34.79 -2.12 4.12
CA GLN A 558 -34.10 -1.44 5.22
C GLN A 558 -33.80 0.03 4.85
N PRO A 559 -33.98 0.97 5.82
CA PRO A 559 -33.51 2.34 5.57
C PRO A 559 -32.02 2.44 5.72
N LEU A 560 -31.49 3.56 5.24
CA LEU A 560 -30.10 3.95 5.43
C LEU A 560 -29.71 4.24 6.88
N SER A 561 -29.11 3.29 7.56
CA SER A 561 -28.42 3.55 8.83
C SER A 561 -26.99 4.02 8.61
N ASP A 562 -26.38 4.56 9.65
CA ASP A 562 -24.96 4.89 9.64
C ASP A 562 -24.06 3.66 9.34
N ASP A 563 -24.40 2.48 9.85
CA ASP A 563 -23.61 1.25 9.62
C ASP A 563 -23.57 0.94 8.11
N ILE A 564 -24.74 0.99 7.46
CA ILE A 564 -24.86 0.77 6.05
C ILE A 564 -24.05 1.83 5.37
N ARG A 565 -24.22 3.10 5.70
CA ARG A 565 -23.44 4.13 4.99
C ARG A 565 -21.92 3.88 5.00
N ALA A 566 -21.46 3.33 6.12
CA ALA A 566 -20.02 3.17 6.40
C ALA A 566 -19.55 1.79 5.99
N ALA A 567 -20.46 0.91 5.62
CA ALA A 567 -20.08 -0.46 5.33
C ALA A 567 -19.07 -0.54 4.18
N PRO A 568 -18.22 -1.58 4.21
CA PRO A 568 -17.34 -1.79 3.08
C PRO A 568 -18.16 -2.13 1.82
N ILE A 569 -17.62 -1.79 0.67
CA ILE A 569 -18.34 -1.94 -0.55
C ILE A 569 -18.78 -3.38 -0.78
N SER A 570 -18.05 -4.33 -0.20
CA SER A 570 -18.44 -5.76 -0.36
C SER A 570 -19.81 -6.10 0.22
N CYS A 571 -20.19 -5.44 1.32
CA CYS A 571 -21.53 -5.63 1.90
C CYS A 571 -22.62 -5.15 0.90
N HIS A 572 -22.39 -4.02 0.25
CA HIS A 572 -23.40 -3.58 -0.73
C HIS A 572 -23.50 -4.53 -1.93
N VAL A 573 -22.36 -5.00 -2.41
CA VAL A 573 -22.31 -5.98 -3.50
C VAL A 573 -23.06 -7.29 -3.17
N GLN A 574 -22.84 -7.84 -2.00
CA GLN A 574 -23.46 -9.10 -1.63
C GLN A 574 -24.99 -9.02 -1.65
N VAL A 575 -25.55 -7.88 -1.22
CA VAL A 575 -26.99 -7.66 -1.24
C VAL A 575 -27.49 -7.31 -2.64
N ALA A 576 -26.82 -6.43 -3.35
CA ALA A 576 -27.25 -6.08 -4.76
C ALA A 576 -27.19 -7.25 -5.73
N HIS A 577 -26.17 -8.10 -5.55
CA HIS A 577 -25.97 -9.24 -6.40
C HIS A 577 -27.23 -10.07 -6.55
N GLU A 578 -27.99 -10.17 -5.46
CA GLU A 578 -29.22 -10.97 -5.41
C GLU A 578 -30.46 -10.23 -5.92
N LYS A 579 -30.39 -8.93 -6.18
CA LYS A 579 -31.59 -8.24 -6.66
C LYS A 579 -31.63 -7.99 -8.17
N GLU A 580 -32.81 -7.54 -8.63
CA GLU A 580 -33.11 -7.22 -10.00
C GLU A 580 -33.39 -5.74 -10.07
N GLN A 581 -32.97 -5.12 -11.16
CA GLN A 581 -33.33 -3.75 -11.44
C GLN A 581 -32.84 -2.71 -10.38
N VAL A 582 -31.87 -3.08 -9.57
CA VAL A 582 -31.29 -2.14 -8.62
C VAL A 582 -31.05 -0.80 -9.29
N ILE A 583 -30.29 -0.78 -10.37
CA ILE A 583 -29.88 0.51 -10.91
C ILE A 583 -30.99 1.33 -11.51
N PRO A 584 -31.88 0.69 -12.28
CA PRO A 584 -32.94 1.55 -12.82
C PRO A 584 -33.89 2.10 -11.72
N ILE A 585 -34.21 1.30 -10.71
CA ILE A 585 -35.00 1.82 -9.55
C ILE A 585 -34.29 3.02 -8.93
N ALA A 586 -32.97 2.95 -8.85
CA ALA A 586 -32.22 4.04 -8.21
C ALA A 586 -32.26 5.26 -9.11
N LEU A 587 -32.18 5.08 -10.41
CA LEU A 587 -32.20 6.23 -11.27
C LEU A 587 -33.60 6.85 -11.25
N LEU A 588 -34.65 6.02 -11.22
CA LEU A 588 -36.01 6.58 -11.22
C LEU A 588 -36.25 7.37 -9.93
N SER A 589 -35.89 6.81 -8.78
CA SER A 589 -35.97 7.55 -7.54
C SER A 589 -35.36 8.94 -7.69
N LEU A 590 -34.20 9.05 -8.33
CA LEU A 590 -33.52 10.34 -8.55
C LEU A 590 -34.26 11.26 -9.56
N LEU A 591 -34.60 10.72 -10.72
CA LEU A 591 -35.21 11.57 -11.75
C LEU A 591 -36.52 12.13 -11.24
N PHE A 592 -37.35 11.28 -10.65
CA PHE A 592 -38.66 11.71 -10.12
C PHE A 592 -38.62 12.39 -8.72
N ARG A 593 -37.44 12.41 -8.11
CA ARG A 593 -37.20 12.84 -6.73
C ARG A 593 -38.14 12.17 -5.78
N CYS A 594 -38.35 10.87 -5.98
CA CYS A 594 -39.33 10.09 -5.22
C CYS A 594 -38.66 9.03 -4.38
N SER A 595 -39.45 8.32 -3.58
CA SER A 595 -38.94 7.28 -2.71
C SER A 595 -38.70 6.01 -3.52
N ILE A 596 -38.07 5.02 -2.90
CA ILE A 596 -37.87 3.71 -3.51
C ILE A 596 -39.22 2.98 -3.61
N THR A 597 -40.14 3.29 -2.70
CA THR A 597 -41.47 2.69 -2.72
C THR A 597 -42.23 3.24 -3.92
N GLU A 598 -42.12 4.54 -4.15
CA GLU A 598 -42.77 5.18 -5.27
C GLU A 598 -42.17 4.75 -6.62
N ALA A 599 -40.87 4.53 -6.68
CA ALA A 599 -40.22 4.22 -7.95
C ALA A 599 -40.38 2.75 -8.31
N GLN A 600 -40.41 1.83 -7.35
CA GLN A 600 -40.84 0.44 -7.63
C GLN A 600 -42.27 0.34 -8.13
N ALA A 601 -43.17 1.17 -7.58
CA ALA A 601 -44.54 1.12 -8.02
C ALA A 601 -44.57 1.57 -9.46
N HIS A 602 -43.79 2.60 -9.77
CA HIS A 602 -43.80 3.18 -11.09
C HIS A 602 -43.28 2.17 -12.09
N LEU A 603 -42.14 1.58 -11.78
CA LEU A 603 -41.60 0.59 -12.68
C LEU A 603 -42.62 -0.50 -12.98
N ALA A 604 -43.14 -1.15 -11.94
CA ALA A 604 -44.11 -2.23 -12.11
C ALA A 604 -45.35 -1.82 -12.92
N ALA A 605 -45.62 -0.53 -13.03
CA ALA A 605 -46.77 -0.05 -13.75
C ALA A 605 -46.40 0.33 -15.18
N ALA A 606 -45.12 0.18 -15.53
CA ALA A 606 -44.68 0.50 -16.87
C ALA A 606 -44.59 -0.80 -17.72
N PRO A 607 -44.81 -0.69 -19.04
CA PRO A 607 -44.68 -1.87 -19.91
C PRO A 607 -43.32 -2.57 -19.81
N SER A 608 -42.25 -1.83 -19.63
CA SER A 608 -40.92 -2.46 -19.51
C SER A 608 -39.87 -1.53 -18.87
N VAL A 609 -38.85 -2.15 -18.28
CA VAL A 609 -37.75 -1.40 -17.66
C VAL A 609 -37.22 -0.29 -18.55
N CYS A 610 -36.96 -0.63 -19.81
CA CYS A 610 -36.34 0.26 -20.79
C CYS A 610 -37.24 1.45 -21.12
N GLU A 611 -38.55 1.20 -21.16
CA GLU A 611 -39.51 2.25 -21.46
C GLU A 611 -39.64 3.11 -20.23
N ALA A 612 -39.72 2.47 -19.06
CA ALA A 612 -39.77 3.24 -17.82
C ALA A 612 -38.57 4.19 -17.77
N VAL A 613 -37.37 3.67 -17.99
CA VAL A 613 -36.16 4.50 -17.87
C VAL A 613 -36.12 5.57 -18.95
N ARG A 614 -36.26 5.16 -20.19
CA ARG A 614 -36.09 6.10 -21.33
C ARG A 614 -37.10 7.25 -21.33
N SER A 615 -38.33 6.93 -20.97
CA SER A 615 -39.38 7.93 -20.91
C SER A 615 -39.19 8.77 -19.67
N ALA A 616 -38.73 8.20 -18.57
CA ALA A 616 -38.35 9.06 -17.43
C ALA A 616 -37.16 9.98 -17.75
N LEU A 617 -36.22 9.54 -18.60
CA LEU A 617 -35.14 10.43 -19.03
C LEU A 617 -35.62 11.54 -19.96
N ALA A 618 -36.77 11.39 -20.62
CA ALA A 618 -37.27 12.37 -21.62
C ALA A 618 -37.76 13.72 -21.05
N MET B 13 7.59 17.24 -14.98
CA MET B 13 9.03 17.44 -14.63
C MET B 13 9.59 16.19 -13.93
N PRO B 14 10.93 16.05 -13.86
CA PRO B 14 11.55 15.03 -12.98
C PRO B 14 11.75 15.54 -11.55
N GLY B 15 11.69 14.63 -10.58
CA GLY B 15 11.46 14.98 -9.18
C GLY B 15 9.99 15.11 -8.81
N THR B 16 9.11 15.22 -9.79
CA THR B 16 7.68 15.37 -9.48
C THR B 16 7.11 14.20 -8.66
N LYS B 17 7.30 12.96 -9.12
CA LYS B 17 6.86 11.82 -8.30
C LYS B 17 7.36 11.95 -6.85
N ARG B 18 8.59 12.37 -6.62
CA ARG B 18 9.15 12.31 -5.26
C ARG B 18 8.75 13.48 -4.37
N PHE B 19 8.31 14.60 -4.95
CA PHE B 19 8.04 15.81 -4.15
C PHE B 19 6.61 16.30 -4.19
N GLN B 20 5.75 15.56 -4.87
CA GLN B 20 4.33 15.93 -5.01
C GLN B 20 3.69 16.16 -3.66
N HIS B 21 3.85 15.19 -2.79
CA HIS B 21 3.11 15.21 -1.55
C HIS B 21 3.44 16.46 -0.68
N VAL B 22 4.65 17.00 -0.80
CA VAL B 22 5.12 18.06 0.07
C VAL B 22 4.22 19.26 -0.11
N ILE B 23 3.70 19.79 0.98
CA ILE B 23 2.85 20.96 0.94
C ILE B 23 3.64 22.26 0.72
N GLU B 24 3.11 23.10 -0.19
CA GLU B 24 3.73 24.38 -0.58
C GLU B 24 3.97 25.28 0.63
N THR B 25 4.96 26.13 0.51
CA THR B 25 5.22 27.09 1.49
C THR B 25 4.14 28.12 1.41
N PRO B 26 3.42 28.38 2.53
CA PRO B 26 2.42 29.43 2.60
C PRO B 26 3.05 30.80 2.42
N GLU B 27 2.27 31.88 2.41
CA GLU B 27 2.88 33.20 2.29
C GLU B 27 2.76 33.84 3.61
N PRO B 28 3.58 34.87 3.87
CA PRO B 28 3.70 35.35 5.25
C PRO B 28 2.35 35.76 5.78
N GLY B 29 2.07 35.37 7.03
CA GLY B 29 0.78 35.64 7.66
C GLY B 29 -0.31 34.64 7.33
N LYS B 30 -0.05 33.70 6.42
CA LYS B 30 -1.06 32.73 6.02
C LYS B 30 -0.76 31.28 6.43
N TRP B 31 0.18 31.02 7.35
CA TRP B 31 0.54 29.62 7.64
C TRP B 31 -0.66 28.90 8.28
N GLU B 32 -1.40 29.61 9.12
CA GLU B 32 -2.65 29.09 9.66
C GLU B 32 -3.75 28.99 8.63
N LEU B 33 -4.04 30.13 7.96
CA LEU B 33 -5.20 30.25 7.06
C LEU B 33 -5.08 29.32 5.85
N SER B 34 -3.86 29.10 5.38
CA SER B 34 -3.59 28.15 4.31
C SER B 34 -3.90 26.74 4.76
N GLY B 35 -3.99 26.50 6.08
CA GLY B 35 -4.20 25.13 6.61
C GLY B 35 -2.92 24.28 6.59
N TYR B 36 -1.76 24.93 6.53
CA TYR B 36 -0.48 24.25 6.53
C TYR B 36 -0.29 23.63 7.93
N GLU B 37 -0.45 24.45 8.98
CA GLU B 37 -0.24 24.02 10.39
C GLU B 37 -1.05 22.83 10.77
N ALA B 38 -2.28 22.79 10.29
CA ALA B 38 -3.18 21.69 10.66
C ALA B 38 -2.74 20.38 10.04
N ALA B 39 -1.94 20.46 8.99
CA ALA B 39 -1.33 19.28 8.38
C ALA B 39 0.11 18.95 8.91
N VAL B 40 0.67 19.78 9.78
CA VAL B 40 1.91 19.41 10.41
C VAL B 40 1.57 18.44 11.50
N PRO B 41 2.19 17.24 11.47
CA PRO B 41 1.93 16.25 12.52
C PRO B 41 2.28 16.75 13.92
N ILE B 42 1.52 16.33 14.92
CA ILE B 42 1.76 16.82 16.30
C ILE B 42 3.21 16.54 16.67
N THR B 43 3.68 15.33 16.37
CA THR B 43 5.03 14.93 16.69
C THR B 43 6.05 15.80 16.01
N GLU B 44 5.71 16.43 14.89
CA GLU B 44 6.64 17.35 14.25
C GLU B 44 6.47 18.80 14.64
N LYS B 45 5.38 19.16 15.26
CA LYS B 45 5.12 20.59 15.42
C LYS B 45 6.12 21.24 16.34
N SER B 46 6.28 22.56 16.18
CA SER B 46 6.89 23.44 17.16
C SER B 46 5.96 23.55 18.32
N ASN B 47 6.48 23.39 19.53
CA ASN B 47 5.70 23.57 20.74
C ASN B 47 5.62 25.06 21.14
N PRO B 48 4.42 25.62 21.18
CA PRO B 48 4.42 27.07 21.52
C PRO B 48 5.09 27.40 22.87
N LEU B 49 5.01 26.48 23.83
CA LEU B 49 5.73 26.71 25.07
C LEU B 49 7.22 27.04 24.85
N THR B 50 7.85 26.46 23.83
CA THR B 50 9.30 26.50 23.71
C THR B 50 9.82 27.37 22.59
N GLN B 51 8.96 28.21 22.03
CA GLN B 51 9.33 29.15 20.96
C GLN B 51 10.61 29.97 21.21
N ASP B 52 10.87 30.34 22.45
CA ASP B 52 12.06 31.11 22.75
C ASP B 52 12.99 30.30 23.66
N LEU B 53 13.06 28.99 23.43
CA LEU B 53 13.89 28.14 24.25
C LEU B 53 15.37 28.50 24.10
N ASP B 54 15.76 28.99 22.92
CA ASP B 54 17.10 29.41 22.67
C ASP B 54 17.49 30.69 23.40
N LYS B 55 16.51 31.41 23.98
CA LYS B 55 16.82 32.61 24.78
C LYS B 55 16.70 32.38 26.28
N ALA B 56 16.52 31.13 26.72
CA ALA B 56 16.15 30.85 28.10
C ALA B 56 17.35 30.34 28.94
N ASP B 57 17.39 30.77 30.21
CA ASP B 57 18.42 30.31 31.15
C ASP B 57 18.09 28.91 31.61
N ALA B 58 19.04 28.27 32.28
CA ALA B 58 18.90 26.86 32.63
C ALA B 58 17.64 26.56 33.41
N GLU B 59 17.36 27.38 34.44
CA GLU B 59 16.21 27.11 35.31
C GLU B 59 14.90 27.23 34.51
N ASN B 60 14.84 28.19 33.59
CA ASN B 60 13.73 28.27 32.64
C ASN B 60 13.61 27.09 31.64
N ILE B 61 14.72 26.62 31.13
CA ILE B 61 14.72 25.40 30.31
C ILE B 61 14.09 24.24 31.05
N VAL B 62 14.57 23.96 32.26
CA VAL B 62 13.97 22.90 33.10
C VAL B 62 12.43 23.11 33.32
N ARG B 63 12.04 24.34 33.59
CA ARG B 63 10.65 24.70 33.78
C ARG B 63 9.84 24.37 32.51
N LEU B 64 10.31 24.85 31.37
CA LEU B 64 9.60 24.62 30.11
C LEU B 64 9.53 23.14 29.69
N LEU B 65 10.63 22.41 29.77
CA LEU B 65 10.60 20.99 29.36
C LEU B 65 9.77 20.19 30.30
N GLY B 66 9.86 20.54 31.58
CA GLY B 66 8.95 20.03 32.61
C GLY B 66 7.49 20.16 32.20
N GLN B 67 7.07 21.36 31.77
CA GLN B 67 5.69 21.53 31.32
C GLN B 67 5.41 20.73 30.03
N CYS B 68 6.40 20.64 29.12
CA CYS B 68 6.21 19.83 27.89
C CYS B 68 5.91 18.38 28.23
N ASP B 69 6.69 17.79 29.12
CA ASP B 69 6.44 16.43 29.68
C ASP B 69 5.08 16.27 30.41
N ALA B 70 4.70 17.29 31.17
CA ALA B 70 3.40 17.23 31.87
C ALA B 70 2.27 17.07 30.86
N GLU B 71 2.46 17.60 29.63
CA GLU B 71 1.41 17.53 28.61
C GLU B 71 1.05 16.10 28.28
N ILE B 72 1.97 15.17 28.56
CA ILE B 72 1.67 13.74 28.45
C ILE B 72 0.40 13.29 29.19
N PHE B 73 0.17 13.83 30.40
CA PHE B 73 -0.97 13.41 31.26
C PHE B 73 -2.13 14.41 31.27
N GLN B 74 -1.97 15.50 30.57
CA GLN B 74 -3.04 16.46 30.37
C GLN B 74 -4.35 15.91 29.70
N GLU B 75 -5.51 16.19 30.30
CA GLU B 75 -6.76 15.57 29.82
C GLU B 75 -7.27 16.28 28.59
N GLU B 76 -8.15 15.59 27.85
CA GLU B 76 -8.74 16.11 26.60
C GLU B 76 -9.67 17.28 26.93
N GLY B 77 -9.60 18.36 26.15
CA GLY B 77 -10.53 19.51 26.31
C GLY B 77 -11.85 19.33 25.54
N GLN B 78 -12.41 20.45 25.06
CA GLN B 78 -13.65 20.47 24.25
C GLN B 78 -13.66 21.59 23.18
N SER B 81 -13.17 18.36 17.63
CA SER B 81 -12.50 19.65 17.82
C SER B 81 -11.10 19.53 18.50
N THR B 82 -10.89 18.45 19.25
CA THR B 82 -9.59 18.14 19.91
C THR B 82 -9.20 16.68 19.72
N TYR B 83 -7.93 16.38 19.92
CA TYR B 83 -7.42 15.01 19.68
C TYR B 83 -7.51 14.19 20.97
N GLN B 84 -7.74 12.91 20.78
CA GLN B 84 -7.84 11.97 21.86
C GLN B 84 -6.50 11.90 22.65
N ARG B 85 -6.57 11.74 23.98
CA ARG B 85 -5.41 11.78 24.88
C ARG B 85 -5.31 10.54 25.79
N LEU B 86 -4.27 10.51 26.62
CA LEU B 86 -3.93 9.34 27.41
C LEU B 86 -5.09 8.86 28.29
N TYR B 87 -5.72 9.80 29.00
CA TYR B 87 -6.85 9.57 29.92
C TYR B 87 -8.23 9.48 29.24
N SER B 88 -8.29 9.74 27.94
CA SER B 88 -9.55 9.61 27.21
C SER B 88 -10.04 8.20 27.22
N GLU B 89 -11.34 8.07 27.21
CA GLU B 89 -11.98 6.82 27.43
C GLU B 89 -11.73 5.85 26.25
N SER B 90 -11.65 6.35 25.01
CA SER B 90 -11.32 5.45 23.89
C SER B 90 -9.91 4.85 24.08
N ILE B 91 -8.95 5.66 24.54
CA ILE B 91 -7.60 5.16 24.80
C ILE B 91 -7.52 4.21 26.01
N LEU B 92 -8.19 4.55 27.14
CA LEU B 92 -8.21 3.60 28.28
C LEU B 92 -8.90 2.34 27.84
N THR B 93 -9.93 2.44 27.03
CA THR B 93 -10.61 1.22 26.52
C THR B 93 -9.64 0.40 25.65
N THR B 94 -8.93 1.05 24.74
CA THR B 94 -8.01 0.29 23.91
C THR B 94 -6.92 -0.36 24.75
N MET B 95 -6.41 0.35 25.75
CA MET B 95 -5.37 -0.19 26.65
C MET B 95 -5.86 -1.46 27.30
N VAL B 96 -7.12 -1.51 27.74
CA VAL B 96 -7.63 -2.69 28.46
C VAL B 96 -7.89 -3.87 27.52
N GLN B 97 -8.39 -3.62 26.32
CA GLN B 97 -8.62 -4.71 25.36
C GLN B 97 -7.28 -5.37 24.97
N VAL B 98 -6.26 -4.53 24.73
CA VAL B 98 -4.93 -5.04 24.42
C VAL B 98 -4.33 -5.83 25.59
N ALA B 99 -4.44 -5.32 26.81
CA ALA B 99 -4.06 -6.08 28.03
C ALA B 99 -4.67 -7.46 28.04
N GLY B 100 -5.95 -7.52 27.68
CA GLY B 100 -6.72 -8.73 27.63
C GLY B 100 -6.24 -9.71 26.58
N LYS B 101 -5.75 -9.19 25.46
CA LYS B 101 -5.24 -10.07 24.39
C LYS B 101 -3.87 -10.61 24.79
N VAL B 102 -3.16 -9.80 25.58
CA VAL B 102 -1.91 -10.25 26.11
C VAL B 102 -2.18 -11.34 27.11
N GLN B 103 -3.26 -11.17 27.91
CA GLN B 103 -3.65 -12.20 28.89
C GLN B 103 -3.97 -13.54 28.23
N GLU B 104 -4.70 -13.54 27.12
CA GLU B 104 -4.95 -14.80 26.42
C GLU B 104 -3.62 -15.51 26.15
N VAL B 105 -2.60 -14.76 25.75
CA VAL B 105 -1.33 -15.36 25.40
C VAL B 105 -0.60 -15.87 26.62
N LEU B 106 -0.64 -15.11 27.71
CA LEU B 106 -0.07 -15.54 29.00
C LEU B 106 -0.69 -16.85 29.53
N LYS B 107 -1.97 -17.07 29.24
CA LYS B 107 -2.67 -18.29 29.68
C LYS B 107 -2.30 -19.53 28.85
N GLU B 108 -1.78 -19.34 27.64
CA GLU B 108 -1.41 -20.46 26.77
C GLU B 108 -0.11 -20.21 26.06
N PRO B 109 1.00 -20.22 26.81
CA PRO B 109 2.35 -19.94 26.28
C PRO B 109 3.02 -20.99 25.38
N ASP B 110 2.36 -22.10 25.03
CA ASP B 110 2.94 -23.02 24.05
C ASP B 110 2.87 -22.35 22.66
N GLY B 111 4.00 -21.78 22.24
CA GLY B 111 4.10 -21.09 20.97
C GLY B 111 3.55 -19.66 20.97
N GLY B 112 3.62 -18.99 22.12
CA GLY B 112 3.14 -17.63 22.22
C GLY B 112 4.36 -16.77 22.24
N LEU B 113 4.24 -15.52 21.80
CA LEU B 113 5.36 -14.60 21.85
C LEU B 113 4.79 -13.23 21.95
N VAL B 114 5.45 -12.33 22.65
CA VAL B 114 4.99 -10.94 22.58
C VAL B 114 6.13 -10.13 22.08
N VAL B 115 5.96 -9.49 20.94
CA VAL B 115 7.06 -8.73 20.36
C VAL B 115 6.90 -7.22 20.53
N LEU B 116 7.94 -6.55 21.00
CA LEU B 116 7.94 -5.11 21.05
C LEU B 116 8.97 -4.61 20.02
N SER B 117 8.53 -3.82 19.02
CA SER B 117 9.42 -3.45 17.88
C SER B 117 9.49 -1.97 17.54
N GLY B 118 10.66 -1.43 17.18
CA GLY B 118 10.74 -0.05 16.74
C GLY B 118 12.10 0.37 16.30
N GLY B 119 12.16 1.55 15.67
CA GLY B 119 13.44 2.17 15.27
C GLY B 119 13.95 3.12 16.34
N GLY B 120 15.27 3.31 16.43
CA GLY B 120 15.82 4.35 17.30
C GLY B 120 15.31 4.20 18.73
N THR B 121 14.91 5.31 19.35
CA THR B 121 14.52 5.31 20.76
C THR B 121 13.34 4.40 20.98
N SER B 122 12.51 4.20 19.96
CA SER B 122 11.38 3.35 20.18
C SER B 122 11.83 1.93 20.29
N GLY B 123 12.89 1.58 19.55
CA GLY B 123 13.53 0.28 19.69
C GLY B 123 14.23 0.20 21.03
N ARG B 124 14.87 1.26 21.47
CA ARG B 124 15.58 1.22 22.73
C ARG B 124 14.61 0.96 23.85
N MET B 125 13.47 1.63 23.82
CA MET B 125 12.44 1.49 24.86
C MET B 125 11.85 0.11 24.81
N ALA B 126 11.76 -0.46 23.61
CA ALA B 126 11.29 -1.83 23.45
C ALA B 126 12.18 -2.81 24.17
N PHE B 127 13.48 -2.59 24.07
CA PHE B 127 14.42 -3.51 24.69
C PHE B 127 14.25 -3.47 26.21
N LEU B 128 14.23 -2.29 26.81
CA LEU B 128 14.07 -2.20 28.25
C LEU B 128 12.81 -2.94 28.73
N MET B 129 11.71 -2.71 28.06
CA MET B 129 10.47 -3.31 28.52
C MET B 129 10.46 -4.79 28.38
N SER B 130 11.07 -5.28 27.32
CA SER B 130 11.14 -6.72 27.12
C SER B 130 11.95 -7.39 28.29
N VAL B 131 13.04 -6.75 28.71
CA VAL B 131 13.84 -7.27 29.79
C VAL B 131 13.02 -7.23 31.08
N SER B 132 12.43 -6.07 31.40
CA SER B 132 11.58 -5.96 32.59
C SER B 132 10.48 -7.00 32.67
N PHE B 133 9.69 -7.18 31.63
CA PHE B 133 8.61 -8.15 31.75
C PHE B 133 9.04 -9.61 31.64
N ASN B 134 10.14 -9.90 30.93
CA ASN B 134 10.73 -11.25 30.98
C ASN B 134 11.27 -11.54 32.43
N GLN B 135 11.93 -10.59 33.08
CA GLN B 135 12.24 -10.71 34.53
C GLN B 135 10.97 -11.04 35.33
N LEU B 136 9.93 -10.26 35.14
CA LEU B 136 8.67 -10.50 35.82
C LEU B 136 8.12 -11.90 35.66
N MET B 137 8.19 -12.49 34.49
CA MET B 137 7.73 -13.87 34.36
C MET B 137 8.71 -14.90 34.98
N LYS B 138 10.02 -14.60 34.92
CA LYS B 138 11.05 -15.36 35.59
C LYS B 138 10.77 -15.49 37.10
N GLY B 139 10.56 -14.37 37.78
CA GLY B 139 10.16 -14.35 39.20
C GLY B 139 8.85 -15.05 39.58
N LEU B 140 8.15 -15.65 38.62
CA LEU B 140 6.99 -16.49 38.89
C LEU B 140 7.22 -17.87 38.28
N GLY B 141 8.48 -18.19 38.00
CA GLY B 141 8.80 -19.44 37.31
C GLY B 141 7.85 -19.75 36.17
N GLN B 142 7.76 -18.81 35.23
CA GLN B 142 7.07 -18.99 33.96
C GLN B 142 8.09 -18.77 32.83
N LYS B 143 7.84 -19.41 31.71
CA LYS B 143 8.63 -19.21 30.49
C LYS B 143 8.51 -17.73 30.02
N PRO B 144 9.64 -17.02 29.88
CA PRO B 144 9.60 -15.67 29.31
C PRO B 144 8.97 -15.63 27.87
N LEU B 145 7.98 -14.75 27.67
CA LEU B 145 7.35 -14.65 26.40
C LEU B 145 7.73 -13.41 25.59
N TYR B 146 8.42 -12.41 26.15
CA TYR B 146 8.69 -11.16 25.46
C TYR B 146 10.01 -11.21 24.72
N THR B 147 10.08 -10.47 23.61
CA THR B 147 11.35 -10.16 22.99
C THR B 147 11.25 -8.84 22.30
N TYR B 148 12.37 -8.35 21.80
CA TYR B 148 12.38 -7.06 21.20
C TYR B 148 12.95 -7.12 19.77
N LEU B 149 12.62 -6.11 18.98
CA LEU B 149 13.20 -5.86 17.67
C LEU B 149 13.55 -4.36 17.58
N ILE B 150 14.73 -4.06 17.08
CA ILE B 150 15.10 -2.72 16.80
C ILE B 150 15.71 -2.64 15.40
N ALA B 151 15.41 -1.56 14.69
CA ALA B 151 15.93 -1.36 13.34
C ALA B 151 17.43 -1.47 13.45
N GLY B 152 17.96 -2.46 12.75
CA GLY B 152 19.38 -2.59 12.52
C GLY B 152 20.01 -3.68 13.35
N GLY B 153 19.16 -4.55 13.90
CA GLY B 153 19.52 -5.58 14.91
C GLY B 153 20.08 -5.02 16.21
N ASP B 154 20.57 -5.91 17.07
CA ASP B 154 20.71 -5.66 18.50
C ASP B 154 21.71 -4.62 18.84
N ARG B 155 22.73 -4.50 18.01
CA ARG B 155 23.73 -3.46 18.24
C ARG B 155 23.12 -2.04 18.20
N SER B 156 21.99 -1.86 17.48
CA SER B 156 21.30 -0.56 17.47
C SER B 156 20.89 -0.04 18.87
N VAL B 157 20.71 -0.93 19.84
CA VAL B 157 20.22 -0.56 21.17
C VAL B 157 21.09 0.52 21.84
N VAL B 158 22.40 0.48 21.62
CA VAL B 158 23.32 1.42 22.27
C VAL B 158 24.18 2.24 21.29
N ALA B 159 23.78 2.32 20.02
CA ALA B 159 24.50 3.15 19.03
C ALA B 159 23.57 4.12 18.28
N SER B 160 24.17 5.16 17.70
CA SER B 160 23.43 6.03 16.81
C SER B 160 23.40 5.45 15.42
N ARG B 161 22.26 4.92 14.98
CA ARG B 161 22.11 4.23 13.70
C ARG B 161 20.79 4.55 13.01
N GLU B 162 20.62 5.84 12.72
CA GLU B 162 19.31 6.43 12.27
C GLU B 162 18.90 6.01 10.87
N GLY B 163 19.89 5.61 10.07
CA GLY B 163 19.63 5.04 8.70
C GLY B 163 18.84 3.76 8.60
N THR B 164 18.71 2.99 9.69
CA THR B 164 18.21 1.60 9.58
C THR B 164 16.70 1.45 9.59
N GLU B 165 15.99 2.55 9.79
CA GLU B 165 14.54 2.51 9.97
C GLU B 165 13.74 2.57 8.65
N ASP B 166 14.43 2.78 7.52
CA ASP B 166 13.80 3.16 6.25
C ASP B 166 13.36 1.99 5.39
N SER B 167 13.65 0.79 5.83
CA SER B 167 13.29 -0.37 5.03
C SER B 167 12.23 -1.19 5.68
N ALA B 168 11.13 -1.40 4.98
CA ALA B 168 10.06 -2.27 5.44
C ALA B 168 10.36 -3.71 5.31
N LEU B 169 11.20 -4.09 4.35
CA LEU B 169 11.52 -5.50 4.18
C LEU B 169 12.37 -5.99 5.35
N HIS B 170 13.28 -5.14 5.79
CA HIS B 170 14.10 -5.44 6.95
C HIS B 170 13.28 -5.66 8.20
N GLY B 171 12.22 -4.84 8.39
CA GLY B 171 11.37 -5.02 9.56
C GLY B 171 10.70 -6.38 9.50
N ILE B 172 10.32 -6.78 8.30
CA ILE B 172 9.60 -8.01 8.11
C ILE B 172 10.49 -9.21 8.31
N GLU B 173 11.71 -9.15 7.81
CA GLU B 173 12.65 -10.25 7.96
C GLU B 173 12.87 -10.51 9.45
N GLU B 174 13.21 -9.46 10.18
CA GLU B 174 13.43 -9.60 11.60
C GLU B 174 12.24 -10.21 12.33
N LEU B 175 11.02 -9.86 11.91
CA LEU B 175 9.84 -10.35 12.58
C LEU B 175 9.73 -11.83 12.27
N LYS B 176 10.07 -12.22 11.04
CA LYS B 176 9.96 -13.64 10.69
C LYS B 176 10.99 -14.49 11.41
N LYS B 177 12.17 -13.98 11.64
CA LYS B 177 13.17 -14.75 12.37
C LYS B 177 12.69 -15.05 13.77
N VAL B 178 12.19 -14.03 14.44
CA VAL B 178 11.78 -14.14 15.82
C VAL B 178 10.47 -14.98 15.98
N ALA B 179 9.61 -14.98 14.98
CA ALA B 179 8.29 -15.58 15.11
C ALA B 179 8.09 -16.91 14.36
N ALA B 180 9.16 -17.42 13.76
CA ALA B 180 9.12 -18.64 12.98
C ALA B 180 8.63 -19.79 13.84
N GLY B 181 7.69 -20.55 13.30
CA GLY B 181 7.04 -21.66 14.02
C GLY B 181 6.36 -21.37 15.36
N LYS B 182 5.71 -20.21 15.51
CA LYS B 182 4.95 -19.88 16.72
C LYS B 182 3.50 -19.91 16.31
N LYS B 183 2.56 -20.12 17.24
CA LYS B 183 1.13 -20.08 16.87
C LYS B 183 0.43 -18.76 17.15
N ARG B 184 0.88 -18.03 18.19
CA ARG B 184 0.27 -16.74 18.58
C ARG B 184 1.31 -15.71 18.93
N VAL B 185 1.39 -14.65 18.14
CA VAL B 185 2.37 -13.58 18.31
C VAL B 185 1.68 -12.23 18.39
N ILE B 186 1.81 -11.55 19.52
CA ILE B 186 1.34 -10.18 19.57
C ILE B 186 2.51 -9.29 19.16
N VAL B 187 2.30 -8.44 18.14
CA VAL B 187 3.34 -7.56 17.67
C VAL B 187 3.02 -6.15 18.02
N ILE B 188 3.81 -5.56 18.90
CA ILE B 188 3.57 -4.22 19.34
C ILE B 188 4.50 -3.31 18.60
N GLY B 189 3.98 -2.66 17.56
CA GLY B 189 4.80 -1.87 16.67
C GLY B 189 4.81 -0.47 17.15
N ILE B 190 5.96 0.05 17.51
CA ILE B 190 6.06 1.36 18.13
C ILE B 190 6.74 2.39 17.22
N SER B 191 6.00 3.44 16.83
CA SER B 191 6.58 4.54 16.08
C SER B 191 5.84 5.76 16.51
N VAL B 192 6.56 6.61 17.21
CA VAL B 192 6.00 7.76 17.82
C VAL B 192 5.32 8.56 16.74
N GLY B 193 5.95 8.63 15.58
CA GLY B 193 5.39 9.45 14.49
C GLY B 193 4.33 8.82 13.63
N LEU B 194 3.96 7.56 13.90
CA LEU B 194 3.35 6.71 12.90
C LEU B 194 4.15 6.93 11.56
N SER B 195 5.45 6.68 11.67
CA SER B 195 6.41 7.10 10.72
C SER B 195 7.29 5.97 10.14
N ALA B 196 7.82 5.08 10.98
CA ALA B 196 8.89 4.18 10.54
C ALA B 196 8.47 3.08 9.56
N PRO B 197 9.14 3.02 8.38
CA PRO B 197 8.99 1.93 7.42
C PRO B 197 9.24 0.56 8.04
N PHE B 198 10.29 0.46 8.86
CA PHE B 198 10.58 -0.73 9.66
C PHE B 198 9.29 -1.30 10.29
N VAL B 199 8.48 -0.46 10.93
CA VAL B 199 7.27 -0.89 11.62
C VAL B 199 6.10 -1.05 10.69
N ALA B 200 5.93 -0.11 9.75
CA ALA B 200 4.85 -0.24 8.75
C ALA B 200 4.86 -1.63 8.11
N GLY B 201 6.03 -2.08 7.71
CA GLY B 201 6.05 -3.41 7.06
C GLY B 201 5.58 -4.52 7.98
N GLN B 202 6.02 -4.46 9.23
CA GLN B 202 5.66 -5.46 10.22
C GLN B 202 4.17 -5.46 10.45
N MET B 203 3.59 -4.26 10.59
CA MET B 203 2.15 -4.19 10.86
C MET B 203 1.38 -4.77 9.72
N ASP B 204 1.73 -4.39 8.50
CA ASP B 204 1.05 -4.89 7.30
C ASP B 204 1.17 -6.43 7.19
N CYS B 205 2.36 -6.93 7.43
CA CYS B 205 2.57 -8.39 7.36
C CYS B 205 1.65 -9.13 8.32
N CYS B 206 1.51 -8.59 9.52
CA CYS B 206 0.63 -9.16 10.56
C CYS B 206 -0.80 -9.25 10.10
N MET B 207 -1.30 -8.19 9.48
CA MET B 207 -2.71 -8.21 9.01
C MET B 207 -2.92 -9.20 7.90
N ASN B 208 -1.87 -9.55 7.17
CA ASN B 208 -2.04 -10.55 6.13
C ASN B 208 -2.12 -11.98 6.69
N ASN B 209 -1.87 -12.16 8.00
CA ASN B 209 -1.90 -13.49 8.63
C ASN B 209 -2.39 -13.43 10.12
N THR B 210 -3.68 -13.12 10.29
CA THR B 210 -4.27 -12.84 11.59
C THR B 210 -4.52 -14.06 12.44
N ALA B 211 -4.46 -15.25 11.86
CA ALA B 211 -4.53 -16.48 12.67
C ALA B 211 -3.36 -16.54 13.66
N VAL B 212 -2.17 -16.18 13.21
CA VAL B 212 -0.98 -16.17 14.05
C VAL B 212 -0.79 -14.80 14.72
N PHE B 213 -1.00 -13.75 13.94
CA PHE B 213 -0.54 -12.42 14.35
C PHE B 213 -1.64 -11.49 14.82
N LEU B 214 -1.37 -10.76 15.90
CA LEU B 214 -2.18 -9.62 16.32
C LEU B 214 -1.33 -8.34 16.40
N PRO B 215 -1.54 -7.42 15.48
CA PRO B 215 -0.71 -6.25 15.49
C PRO B 215 -1.28 -5.14 16.34
N VAL B 216 -0.42 -4.51 17.14
CA VAL B 216 -0.76 -3.37 18.00
C VAL B 216 0.18 -2.24 17.67
N LEU B 217 -0.32 -1.20 17.02
CA LEU B 217 0.48 -0.03 16.69
C LEU B 217 0.42 0.96 17.77
N VAL B 218 1.57 1.53 18.15
CA VAL B 218 1.60 2.54 19.17
C VAL B 218 2.36 3.74 18.71
N GLY B 219 1.75 4.91 18.85
CA GLY B 219 2.41 6.19 18.54
C GLY B 219 1.58 7.31 19.07
N PHE B 220 1.89 8.54 18.66
CA PHE B 220 1.37 9.72 19.30
C PHE B 220 0.87 10.77 18.29
N ASN B 221 0.39 10.27 17.14
CA ASN B 221 -0.32 11.09 16.20
C ASN B 221 -1.62 10.41 15.90
N PRO B 222 -2.66 11.20 15.65
CA PRO B 222 -3.86 10.61 15.09
C PRO B 222 -3.56 10.01 13.74
N VAL B 223 -4.30 8.95 13.42
CA VAL B 223 -4.10 8.28 12.17
C VAL B 223 -4.21 9.20 10.95
N SER B 224 -4.97 10.28 11.05
CA SER B 224 -5.15 11.20 9.94
C SER B 224 -3.90 12.02 9.66
N MET B 225 -2.91 11.89 10.51
CA MET B 225 -1.62 12.56 10.38
C MET B 225 -0.49 11.54 10.32
N ALA B 226 -0.79 10.25 10.19
CA ALA B 226 0.26 9.25 9.95
C ALA B 226 0.94 9.51 8.63
N ARG B 227 2.19 9.08 8.59
CA ARG B 227 3.10 9.42 7.54
C ARG B 227 2.59 8.74 6.32
N ASN B 228 2.66 9.46 5.22
CA ASN B 228 1.94 9.06 4.00
C ASN B 228 2.77 9.29 2.72
N ASP B 229 4.07 9.49 2.85
CA ASP B 229 4.94 9.51 1.68
C ASP B 229 5.38 8.08 1.35
N PRO B 230 5.72 7.84 0.06
CA PRO B 230 5.96 6.48 -0.37
C PRO B 230 7.17 5.91 0.36
N ILE B 231 7.12 4.62 0.67
CA ILE B 231 8.23 3.94 1.28
C ILE B 231 8.94 3.27 0.15
N GLU B 232 10.26 3.31 0.23
CA GLU B 232 11.07 2.98 -0.90
C GLU B 232 10.88 1.52 -1.32
N ASP B 233 10.72 0.59 -0.39
CA ASP B 233 10.56 -0.81 -0.77
C ASP B 233 9.20 -1.43 -0.40
N TRP B 234 8.12 -0.68 -0.47
CA TRP B 234 6.83 -1.13 0.04
C TRP B 234 5.74 -0.29 -0.66
N SER B 235 4.62 -0.93 -1.04
CA SER B 235 3.63 -0.22 -1.88
C SER B 235 2.65 0.65 -1.10
N SER B 236 2.26 0.19 0.11
CA SER B 236 1.35 0.95 0.93
C SER B 236 2.13 1.95 1.74
N THR B 237 1.41 2.84 2.40
CA THR B 237 2.00 4.00 3.06
C THR B 237 1.72 3.78 4.55
N PHE B 238 2.41 4.45 5.49
CA PHE B 238 2.12 4.21 6.95
C PHE B 238 0.63 4.52 7.32
N ARG B 239 0.10 5.62 6.83
CA ARG B 239 -1.33 5.96 7.00
C ARG B 239 -2.30 4.91 6.56
N GLN B 240 -2.01 4.23 5.46
CA GLN B 240 -2.96 3.29 4.88
C GLN B 240 -2.96 2.08 5.77
N VAL B 241 -1.76 1.73 6.23
CA VAL B 241 -1.62 0.57 7.11
C VAL B 241 -2.32 0.88 8.40
N ALA B 242 -2.12 2.07 8.93
CA ALA B 242 -2.82 2.42 10.16
C ALA B 242 -4.35 2.53 10.03
N GLU B 243 -4.84 3.04 8.90
CA GLU B 243 -6.30 3.10 8.63
C GLU B 243 -6.86 1.70 8.58
N ARG B 244 -6.13 0.80 7.92
CA ARG B 244 -6.57 -0.58 7.88
C ARG B 244 -6.58 -1.28 9.25
N MET B 245 -5.60 -1.00 10.13
CA MET B 245 -5.66 -1.51 11.50
C MET B 245 -6.85 -0.95 12.32
N GLN B 246 -7.13 0.33 12.17
CA GLN B 246 -8.30 0.92 12.83
C GLN B 246 -9.60 0.26 12.41
N LYS B 247 -9.76 -0.01 11.13
CA LYS B 247 -10.95 -0.74 10.67
C LYS B 247 -11.03 -2.13 11.29
N MET B 248 -9.90 -2.79 11.47
CA MET B 248 -9.90 -4.10 12.09
C MET B 248 -10.08 -4.09 13.62
N GLN B 249 -9.80 -3.00 14.28
CA GLN B 249 -10.00 -2.91 15.70
C GLN B 249 -11.44 -3.22 16.10
N GLU B 250 -12.41 -2.81 15.28
CA GLU B 250 -13.83 -3.14 15.48
C GLU B 250 -14.09 -4.58 15.81
N LYS B 251 -13.35 -5.49 15.16
CA LYS B 251 -13.41 -6.94 15.38
C LYS B 251 -12.27 -7.43 16.32
N GLN B 252 -11.59 -6.50 16.97
CA GLN B 252 -10.43 -6.82 17.81
C GLN B 252 -9.35 -7.70 17.16
N LYS B 253 -9.08 -7.42 15.90
CA LYS B 253 -8.04 -8.12 15.17
C LYS B 253 -6.81 -7.23 14.96
N ALA B 254 -6.93 -5.96 15.33
CA ALA B 254 -5.75 -5.10 15.46
C ALA B 254 -6.06 -3.96 16.42
N PHE B 255 -5.05 -3.20 16.83
CA PHE B 255 -5.30 -2.04 17.66
C PHE B 255 -4.37 -0.91 17.29
N VAL B 256 -4.91 0.30 17.36
CA VAL B 256 -4.12 1.49 17.20
C VAL B 256 -4.24 2.23 18.52
N LEU B 257 -3.12 2.50 19.15
CA LEU B 257 -3.11 3.02 20.49
C LEU B 257 -2.28 4.27 20.40
N ASN B 258 -2.97 5.36 20.15
CA ASN B 258 -2.33 6.61 19.73
C ASN B 258 -2.83 7.90 20.41
N PRO B 259 -2.49 8.06 21.67
CA PRO B 259 -2.90 9.33 22.28
C PRO B 259 -2.05 10.48 21.82
N ALA B 260 -2.63 11.66 21.76
CA ALA B 260 -1.89 12.90 21.56
C ALA B 260 -1.27 13.34 22.89
N ILE B 261 -0.02 13.70 22.83
CA ILE B 261 0.68 14.14 24.01
C ILE B 261 1.26 15.48 23.85
N GLY B 262 0.94 16.15 22.75
CA GLY B 262 1.48 17.45 22.54
C GLY B 262 2.88 17.39 21.96
N PRO B 263 3.27 18.41 21.22
CA PRO B 263 4.56 18.41 20.60
C PRO B 263 5.76 18.37 21.54
N GLU B 264 6.91 18.08 20.93
CA GLU B 264 8.17 18.00 21.66
C GLU B 264 8.71 19.37 21.93
N GLY B 265 9.30 19.54 23.12
CA GLY B 265 9.96 20.77 23.49
C GLY B 265 11.05 21.19 22.52
N LEU B 266 11.75 20.21 21.97
CA LEU B 266 12.61 20.40 20.80
C LEU B 266 11.94 19.65 19.61
N SER B 267 11.55 20.42 18.61
CA SER B 267 10.60 20.04 17.59
C SER B 267 11.13 18.81 16.97
N GLY B 268 10.32 17.77 16.94
CA GLY B 268 10.70 16.50 16.35
C GLY B 268 11.56 15.56 17.19
N SER B 269 12.02 15.97 18.37
CA SER B 269 12.91 15.12 19.14
C SER B 269 12.09 14.09 19.90
N SER B 270 11.63 13.08 19.17
CA SER B 270 10.73 12.10 19.73
C SER B 270 11.40 11.13 20.70
N ARG B 271 12.72 11.24 20.89
CA ARG B 271 13.43 10.55 22.00
C ARG B 271 12.84 10.98 23.36
N MET B 272 12.29 12.19 23.41
CA MET B 272 11.84 12.79 24.63
C MET B 272 10.44 12.35 25.09
N LYS B 273 9.43 13.18 24.94
CA LYS B 273 8.11 12.80 25.35
C LYS B 273 7.67 11.52 24.68
N GLY B 274 8.00 11.33 23.43
CA GLY B 274 7.50 10.14 22.77
C GLY B 274 8.04 8.86 23.35
N GLY B 275 9.29 8.92 23.74
CA GLY B 275 9.87 7.78 24.44
C GLY B 275 9.36 7.58 25.86
N SER B 276 9.30 8.65 26.67
CA SER B 276 8.65 8.57 28.00
C SER B 276 7.22 8.04 27.89
N ALA B 277 6.41 8.65 27.04
CA ALA B 277 5.03 8.17 26.86
C ALA B 277 4.93 6.74 26.40
N THR B 278 5.89 6.29 25.59
CA THR B 278 5.91 4.88 25.18
C THR B 278 6.03 3.94 26.40
N LYS B 279 6.94 4.27 27.31
CA LYS B 279 7.13 3.49 28.53
C LYS B 279 5.89 3.55 29.37
N ILE B 280 5.45 4.77 29.62
CA ILE B 280 4.23 5.01 30.42
C ILE B 280 3.06 4.20 29.91
N LEU B 281 2.86 4.22 28.60
CA LEU B 281 1.69 3.56 28.00
C LEU B 281 1.80 2.05 28.11
N LEU B 282 2.98 1.49 27.81
CA LEU B 282 3.02 0.03 27.63
C LEU B 282 3.41 -0.73 28.94
N GLU B 283 4.16 -0.09 29.82
CA GLU B 283 4.45 -0.66 31.15
C GLU B 283 3.15 -0.70 31.96
N THR B 284 2.37 0.38 31.89
CA THR B 284 1.05 0.39 32.46
C THR B 284 0.28 -0.83 31.95
N LEU B 285 0.15 -0.91 30.66
CA LEU B 285 -0.79 -1.86 30.05
C LEU B 285 -0.37 -3.29 30.31
N LEU B 286 0.92 -3.54 30.23
CA LEU B 286 1.41 -4.91 30.40
C LEU B 286 1.52 -5.26 31.88
N LEU B 287 1.90 -4.31 32.72
CA LEU B 287 1.90 -4.56 34.14
C LEU B 287 0.45 -4.91 34.62
N ALA B 288 -0.52 -4.14 34.20
CA ALA B 288 -1.91 -4.49 34.46
C ALA B 288 -2.30 -5.81 33.89
N ALA B 289 -1.76 -6.14 32.71
CA ALA B 289 -2.07 -7.42 32.12
C ALA B 289 -1.67 -8.53 33.08
N HIS B 290 -0.45 -8.44 33.63
CA HIS B 290 0.10 -9.52 34.43
C HIS B 290 -0.59 -9.62 35.79
N LYS B 291 -0.55 -8.51 36.55
CA LYS B 291 -1.33 -8.34 37.78
C LYS B 291 -2.81 -8.84 37.81
N THR B 292 -3.54 -8.71 36.71
CA THR B 292 -4.97 -8.99 36.74
C THR B 292 -5.41 -10.15 35.86
N VAL B 293 -4.56 -11.14 35.64
CA VAL B 293 -5.02 -12.37 34.98
C VAL B 293 -6.16 -12.98 35.79
N ASP B 294 -7.21 -13.39 35.08
CA ASP B 294 -8.39 -14.06 35.68
C ASP B 294 -9.07 -13.27 36.86
N GLN B 295 -9.08 -11.93 36.78
CA GLN B 295 -9.89 -11.08 37.66
C GLN B 295 -10.94 -10.27 36.88
N GLY B 296 -11.07 -10.50 35.59
CA GLY B 296 -12.07 -9.79 34.80
C GLY B 296 -11.70 -8.34 34.54
N ILE B 297 -12.44 -7.74 33.63
CA ILE B 297 -12.10 -6.45 33.04
C ILE B 297 -12.09 -5.27 34.04
N ALA B 298 -13.00 -5.28 35.00
CA ALA B 298 -13.09 -4.21 36.00
C ALA B 298 -11.77 -4.06 36.71
N ALA B 299 -11.26 -5.16 37.24
CA ALA B 299 -9.97 -5.15 37.92
C ALA B 299 -8.87 -4.56 37.00
N SER B 300 -8.93 -4.91 35.73
CA SER B 300 -7.94 -4.45 34.77
C SER B 300 -8.00 -2.91 34.61
N GLN B 301 -9.22 -2.37 34.44
CA GLN B 301 -9.41 -0.93 34.28
C GLN B 301 -8.88 -0.15 35.47
N ARG B 302 -9.19 -0.62 36.67
CA ARG B 302 -8.77 0.05 37.90
C ARG B 302 -7.26 0.00 38.01
N CYS B 303 -6.68 -1.15 37.68
CA CYS B 303 -5.24 -1.31 37.73
C CYS B 303 -4.49 -0.39 36.71
N LEU B 304 -5.00 -0.30 35.46
CA LEU B 304 -4.44 0.67 34.48
C LEU B 304 -4.43 2.07 35.07
N LEU B 305 -5.57 2.47 35.61
CA LEU B 305 -5.68 3.83 36.17
C LEU B 305 -4.80 4.06 37.38
N GLU B 306 -4.65 3.07 38.24
CA GLU B 306 -3.71 3.24 39.36
C GLU B 306 -2.29 3.51 38.80
N ILE B 307 -1.83 2.65 37.90
CA ILE B 307 -0.48 2.77 37.37
C ILE B 307 -0.21 4.07 36.66
N LEU B 308 -1.17 4.52 35.84
CA LEU B 308 -0.99 5.80 35.17
C LEU B 308 -0.81 6.92 36.16
N ARG B 309 -1.67 6.95 37.19
CA ARG B 309 -1.64 8.08 38.17
C ARG B 309 -0.33 8.07 38.91
N THR B 310 0.19 6.88 39.20
CA THR B 310 1.55 6.76 39.72
C THR B 310 2.61 7.39 38.79
N PHE B 311 2.66 6.98 37.52
CA PHE B 311 3.58 7.69 36.57
C PHE B 311 3.35 9.20 36.60
N GLU B 312 2.11 9.62 36.78
CA GLU B 312 1.91 11.09 36.82
C GLU B 312 2.48 11.70 38.12
N ARG B 313 2.41 10.96 39.22
CA ARG B 313 3.06 11.47 40.47
C ARG B 313 4.54 11.62 40.19
N ALA B 314 5.13 10.62 39.49
CA ALA B 314 6.58 10.58 39.15
C ALA B 314 7.04 11.80 38.44
N HIS B 315 6.16 12.35 37.63
CA HIS B 315 6.50 13.59 37.01
C HIS B 315 6.71 14.67 38.06
N GLN B 316 5.77 14.92 38.97
CA GLN B 316 6.03 16.06 39.91
C GLN B 316 7.06 15.69 40.95
N VAL B 317 7.18 14.42 41.26
CA VAL B 317 8.26 14.00 42.13
C VAL B 317 9.57 14.41 41.48
N THR B 318 9.76 13.98 40.25
CA THR B 318 11.02 14.28 39.54
C THR B 318 11.20 15.78 39.34
N TYR B 319 10.18 16.48 38.88
CA TYR B 319 10.42 17.90 38.62
C TYR B 319 10.35 18.78 39.86
N SER B 320 10.07 18.21 41.04
CA SER B 320 10.21 18.99 42.29
C SER B 320 11.68 19.34 42.55
N GLN B 321 12.59 18.54 42.00
CA GLN B 321 14.01 18.83 42.04
C GLN B 321 14.49 19.79 40.95
N SER B 322 13.59 20.59 40.39
CA SER B 322 13.97 21.43 39.24
C SER B 322 15.18 22.30 39.48
N PRO B 323 15.31 22.94 40.66
CA PRO B 323 16.47 23.86 40.77
C PRO B 323 17.82 23.12 40.75
N LYS B 324 17.84 21.87 41.22
CA LYS B 324 19.11 21.10 41.20
C LYS B 324 19.39 20.46 39.83
N ILE B 325 18.33 20.31 39.03
CA ILE B 325 18.43 19.89 37.67
C ILE B 325 19.06 21.03 36.85
N ALA B 326 18.64 22.26 37.07
CA ALA B 326 19.25 23.36 36.33
C ALA B 326 20.75 23.55 36.65
N THR B 327 21.07 23.33 37.91
CA THR B 327 22.44 23.38 38.36
C THR B 327 23.30 22.32 37.62
N LEU B 328 22.78 21.11 37.42
CA LEU B 328 23.57 20.09 36.73
C LEU B 328 23.73 20.48 35.28
N MET B 329 22.65 21.04 34.69
CA MET B 329 22.63 21.47 33.28
C MET B 329 23.72 22.52 33.02
N LYS B 330 23.80 23.55 33.86
CA LYS B 330 24.96 24.47 33.83
C LYS B 330 26.29 23.74 33.92
N SER B 331 26.46 22.83 34.87
CA SER B 331 27.75 22.16 35.01
C SER B 331 28.02 21.37 33.73
N VAL B 332 27.04 20.60 33.25
CA VAL B 332 27.23 19.79 32.03
C VAL B 332 27.56 20.64 30.79
N SER B 333 26.87 21.77 30.66
CA SER B 333 27.07 22.71 29.56
C SER B 333 28.43 23.41 29.60
N THR B 334 28.75 24.06 30.73
CA THR B 334 30.10 24.66 30.95
C THR B 334 31.24 23.74 30.50
N SER B 335 31.13 22.49 30.87
CA SER B 335 32.07 21.46 30.50
C SER B 335 32.20 21.28 28.96
N LEU B 336 31.08 21.19 28.24
CA LEU B 336 31.17 21.10 26.77
C LEU B 336 31.60 22.43 26.12
N GLU B 337 31.28 23.53 26.77
CA GLU B 337 31.74 24.80 26.28
C GLU B 337 33.25 24.86 26.26
N LYS B 338 33.88 24.35 27.33
CA LYS B 338 35.36 24.39 27.47
C LYS B 338 36.01 23.18 26.82
N LYS B 339 35.27 22.49 25.96
CA LYS B 339 35.74 21.37 25.15
C LYS B 339 36.21 20.16 25.96
N GLY B 340 35.63 20.06 27.16
CA GLY B 340 35.70 18.86 27.97
C GLY B 340 34.58 17.88 27.66
N HIS B 341 34.36 16.96 28.59
CA HIS B 341 33.50 15.83 28.35
C HIS B 341 32.67 15.61 29.59
N VAL B 342 31.62 14.81 29.44
CA VAL B 342 30.67 14.55 30.48
C VAL B 342 30.46 13.09 30.53
N TYR B 343 30.61 12.54 31.74
CA TYR B 343 30.51 11.12 32.00
C TYR B 343 29.26 10.92 32.85
N LEU B 344 28.40 10.03 32.42
CA LEU B 344 27.22 9.71 33.15
C LEU B 344 27.46 8.30 33.59
N VAL B 345 27.77 8.12 34.86
CA VAL B 345 28.17 6.82 35.38
C VAL B 345 27.04 6.29 36.22
N GLY B 346 26.58 5.08 35.91
CA GLY B 346 25.35 4.60 36.45
C GLY B 346 25.26 3.12 36.65
N TRP B 347 24.33 2.72 37.50
CA TRP B 347 24.28 1.33 37.91
C TRP B 347 23.06 0.67 37.38
N GLN B 348 23.19 -0.61 37.07
CA GLN B 348 22.06 -1.38 36.59
C GLN B 348 21.44 -0.68 35.37
N THR B 349 20.13 -0.73 35.32
CA THR B 349 19.34 -0.29 34.20
C THR B 349 19.41 1.23 34.00
N LEU B 350 19.71 1.95 35.07
CA LEU B 350 19.83 3.37 35.00
C LEU B 350 21.14 3.74 34.27
N GLY B 351 22.12 2.86 34.36
CA GLY B 351 23.31 2.97 33.58
C GLY B 351 23.01 2.82 32.09
N ILE B 352 22.16 1.86 31.77
CA ILE B 352 21.73 1.65 30.40
C ILE B 352 21.04 2.89 29.84
N ILE B 353 20.11 3.46 30.61
CA ILE B 353 19.43 4.70 30.25
C ILE B 353 20.41 5.84 30.04
N ALA B 354 21.49 5.86 30.83
CA ALA B 354 22.56 6.88 30.70
C ALA B 354 23.34 6.69 29.39
N ILE B 355 23.62 5.44 29.07
CA ILE B 355 24.26 5.11 27.82
C ILE B 355 23.40 5.58 26.64
N MET B 356 22.10 5.29 26.68
CA MET B 356 21.17 5.76 25.66
C MET B 356 21.11 7.28 25.58
N ASP B 357 21.08 7.98 26.68
CA ASP B 357 20.91 9.41 26.52
C ASP B 357 22.09 9.93 25.72
N GLY B 358 23.28 9.54 26.14
CA GLY B 358 24.52 10.11 25.62
C GLY B 358 24.71 9.78 24.14
N VAL B 359 24.36 8.58 23.78
CA VAL B 359 24.44 8.17 22.41
C VAL B 359 23.47 8.98 21.52
N GLU B 360 22.32 9.36 22.09
CA GLU B 360 21.31 10.01 21.30
C GLU B 360 21.78 11.43 21.04
N CYS B 361 22.67 11.93 21.89
CA CYS B 361 23.18 13.27 21.65
C CYS B 361 23.96 13.37 20.33
N ILE B 362 24.53 12.24 19.92
CA ILE B 362 25.33 12.14 18.72
C ILE B 362 24.52 12.63 17.54
N HIS B 363 23.35 12.06 17.32
CA HIS B 363 22.58 12.43 16.15
C HIS B 363 21.64 13.58 16.39
N THR B 364 21.20 13.74 17.64
CA THR B 364 20.35 14.85 17.98
C THR B 364 21.08 16.20 17.95
N PHE B 365 22.30 16.29 18.49
CA PHE B 365 22.95 17.59 18.55
C PHE B 365 24.27 17.69 17.78
N GLY B 366 24.61 16.66 17.01
CA GLY B 366 25.88 16.70 16.30
C GLY B 366 27.08 16.47 17.22
N ALA B 367 26.83 15.89 18.39
CA ALA B 367 27.89 15.83 19.39
C ALA B 367 28.80 14.67 19.09
N ASP B 368 30.08 14.84 19.39
CA ASP B 368 30.99 13.69 19.38
C ASP B 368 30.51 12.69 20.45
N PHE B 369 30.74 11.44 20.19
CA PHE B 369 30.43 10.36 21.10
C PHE B 369 30.89 10.51 22.58
N ARG B 370 31.99 11.21 22.80
CA ARG B 370 32.52 11.38 24.16
C ARG B 370 32.02 12.66 24.84
N ASP B 371 31.30 13.50 24.09
CA ASP B 371 30.77 14.72 24.66
C ASP B 371 29.84 14.42 25.85
N VAL B 372 28.88 13.53 25.63
CA VAL B 372 28.05 13.07 26.71
C VAL B 372 27.95 11.59 26.60
N ARG B 373 28.69 10.92 27.49
CA ARG B 373 28.87 9.50 27.40
C ARG B 373 28.48 8.74 28.68
N GLY B 374 27.71 7.67 28.51
CA GLY B 374 27.21 6.90 29.61
C GLY B 374 28.02 5.64 29.83
N PHE B 375 28.12 5.24 31.09
CA PHE B 375 28.76 3.96 31.49
C PHE B 375 27.86 3.14 32.40
N LEU B 376 27.80 1.85 32.09
CA LEU B 376 27.25 0.86 33.01
C LEU B 376 28.37 0.18 33.84
N ILE B 377 28.35 0.40 35.17
CA ILE B 377 29.29 -0.22 36.12
C ILE B 377 28.84 -1.59 36.65
N GLY B 378 29.64 -2.63 36.43
CA GLY B 378 29.22 -4.02 36.70
C GLY B 378 27.97 -4.39 35.92
N GLN B 393 30.88 -3.72 22.07
CA GLN B 393 31.21 -3.42 20.67
C GLN B 393 30.91 -1.95 20.32
N GLY B 394 31.62 -1.43 19.31
CA GLY B 394 31.81 -0.01 19.14
C GLY B 394 32.72 0.40 20.29
N PRO B 395 32.52 1.61 20.85
CA PRO B 395 33.17 1.93 22.09
C PRO B 395 32.61 1.12 23.23
N GLN B 396 33.42 0.93 24.27
CA GLN B 396 33.05 0.10 25.40
C GLN B 396 32.04 0.86 26.30
N PHE B 397 31.01 0.13 26.74
CA PHE B 397 29.92 0.71 27.56
C PHE B 397 29.69 0.06 28.93
N THR B 398 29.95 -1.24 29.06
CA THR B 398 29.96 -1.97 30.34
C THR B 398 31.36 -2.13 31.00
N PHE B 399 31.57 -1.56 32.19
CA PHE B 399 32.86 -1.65 32.89
C PHE B 399 32.73 -2.16 34.33
N SER B 400 33.53 -3.16 34.71
CA SER B 400 33.77 -3.43 36.14
C SER B 400 34.41 -2.21 36.82
N GLN B 401 34.32 -2.18 38.15
CA GLN B 401 34.96 -1.11 38.97
C GLN B 401 36.42 -0.83 38.56
N GLU B 402 37.23 -1.90 38.50
CA GLU B 402 38.67 -1.76 38.23
C GLU B 402 38.89 -1.41 36.74
N ASP B 403 38.14 -2.02 35.84
CA ASP B 403 38.20 -1.65 34.44
C ASP B 403 37.91 -0.15 34.30
N PHE B 404 36.87 0.36 34.97
CA PHE B 404 36.57 1.79 34.95
C PHE B 404 37.73 2.63 35.51
N LEU B 405 38.26 2.23 36.66
CA LEU B 405 39.38 2.98 37.28
C LEU B 405 40.71 2.94 36.50
N THR B 406 41.11 1.77 36.03
CA THR B 406 42.26 1.62 35.13
C THR B 406 42.05 2.43 33.83
N SER B 407 40.97 2.11 33.13
CA SER B 407 40.83 2.46 31.73
C SER B 407 40.31 3.87 31.52
N ILE B 408 39.40 4.38 32.35
CA ILE B 408 38.75 5.66 32.06
C ILE B 408 39.17 6.80 32.97
N LEU B 409 39.40 6.51 34.24
CA LEU B 409 39.78 7.58 35.18
C LEU B 409 40.90 8.50 34.66
N PRO B 410 41.98 7.94 34.07
CA PRO B 410 43.11 8.80 33.61
C PRO B 410 42.76 9.93 32.61
N SER B 411 41.79 9.73 31.72
CA SER B 411 41.41 10.75 30.74
C SER B 411 40.77 11.97 31.39
N LEU B 412 40.30 11.82 32.61
CA LEU B 412 39.59 12.90 33.23
C LEU B 412 40.51 14.08 33.57
N THR B 413 39.87 15.22 33.68
CA THR B 413 40.48 16.50 33.66
C THR B 413 39.60 17.32 34.58
N GLU B 414 40.07 18.51 34.96
CA GLU B 414 39.39 19.30 35.97
C GLU B 414 38.22 20.14 35.43
N ILE B 415 38.06 20.19 34.10
CA ILE B 415 36.86 20.80 33.47
C ILE B 415 35.70 19.81 33.27
N ASP B 416 35.96 18.50 33.36
CA ASP B 416 34.98 17.47 33.06
C ASP B 416 33.89 17.41 34.10
N THR B 417 32.71 16.95 33.70
CA THR B 417 31.59 16.68 34.64
C THR B 417 31.25 15.20 34.71
N VAL B 418 31.25 14.65 35.92
CA VAL B 418 30.84 13.26 36.11
C VAL B 418 29.56 13.27 36.94
N VAL B 419 28.56 12.50 36.50
CA VAL B 419 27.25 12.44 37.13
C VAL B 419 27.09 11.02 37.51
N PHE B 420 26.75 10.77 38.78
CA PHE B 420 26.56 9.39 39.26
C PHE B 420 25.11 9.10 39.48
N ILE B 421 24.65 8.01 38.88
CA ILE B 421 23.25 7.69 38.87
C ILE B 421 23.08 6.33 39.48
N PHE B 422 22.36 6.27 40.58
CA PHE B 422 22.22 5.02 41.34
C PHE B 422 21.02 5.08 42.32
N THR B 423 20.67 3.91 42.86
CA THR B 423 19.64 3.75 43.88
C THR B 423 20.33 3.25 45.13
N LEU B 424 19.72 3.48 46.29
CA LEU B 424 20.39 3.08 47.54
C LEU B 424 20.40 1.57 47.71
N ASP B 425 19.90 0.82 46.73
CA ASP B 425 19.89 -0.64 46.80
C ASP B 425 20.96 -1.28 45.92
N ASP B 426 21.82 -0.46 45.35
CA ASP B 426 22.99 -0.97 44.63
C ASP B 426 24.17 -1.09 45.63
N ASN B 427 25.15 -1.89 45.23
CA ASN B 427 26.55 -1.76 45.70
C ASN B 427 26.99 -0.32 46.08
N LEU B 428 26.58 0.20 47.22
CA LEU B 428 27.04 1.55 47.64
C LEU B 428 28.51 1.62 48.04
N THR B 429 29.13 0.46 48.25
CA THR B 429 30.57 0.37 48.49
C THR B 429 31.26 0.83 47.19
N GLU B 430 31.03 0.04 46.13
CA GLU B 430 31.45 0.32 44.75
C GLU B 430 31.23 1.77 44.29
N VAL B 431 30.09 2.36 44.67
CA VAL B 431 29.84 3.75 44.32
C VAL B 431 30.86 4.66 44.97
N GLN B 432 31.03 4.56 46.28
CA GLN B 432 31.94 5.49 46.92
C GLN B 432 33.37 5.28 46.49
N THR B 433 33.80 4.02 46.34
CA THR B 433 35.12 3.74 45.76
C THR B 433 35.34 4.68 44.55
N ILE B 434 34.49 4.48 43.52
CA ILE B 434 34.67 5.10 42.19
C ILE B 434 34.60 6.61 42.26
N VAL B 435 33.68 7.13 43.06
CA VAL B 435 33.56 8.58 43.19
C VAL B 435 34.69 9.13 44.04
N GLU B 436 35.24 8.31 44.93
CA GLU B 436 36.38 8.72 45.76
C GLU B 436 37.54 9.09 44.83
N GLN B 437 37.92 8.16 43.95
CA GLN B 437 39.00 8.43 43.02
C GLN B 437 38.65 9.51 41.94
N VAL B 438 37.49 9.39 41.28
CA VAL B 438 37.04 10.42 40.33
C VAL B 438 37.17 11.82 40.94
N LYS B 439 36.78 11.97 42.20
CA LYS B 439 36.82 13.26 42.88
C LYS B 439 38.22 13.90 42.90
N GLU B 440 39.26 13.09 42.84
CA GLU B 440 40.61 13.63 42.82
C GLU B 440 41.01 14.35 41.53
N LYS B 441 40.34 14.02 40.41
CA LYS B 441 40.65 14.60 39.09
C LYS B 441 39.75 15.81 38.76
N THR B 442 38.58 15.90 39.38
CA THR B 442 37.64 17.00 39.07
C THR B 442 36.64 17.32 40.19
N ASN B 443 36.35 18.60 40.36
CA ASN B 443 35.32 19.03 41.34
C ASN B 443 33.91 18.87 40.86
N HIS B 444 33.74 18.88 39.53
CA HIS B 444 32.41 18.94 38.90
C HIS B 444 31.72 17.57 38.88
N ILE B 445 31.34 17.12 40.08
CA ILE B 445 30.57 15.91 40.27
C ILE B 445 29.22 16.32 40.83
N GLN B 446 28.25 15.44 40.71
CA GLN B 446 26.84 15.75 41.01
C GLN B 446 26.26 14.33 41.02
N ALA B 447 25.20 14.08 41.78
CA ALA B 447 24.62 12.72 41.84
C ALA B 447 23.12 12.71 41.73
N LEU B 448 22.59 11.56 41.32
CA LEU B 448 21.19 11.37 41.09
C LEU B 448 20.82 10.09 41.73
N ALA B 449 20.23 10.19 42.92
CA ALA B 449 20.11 9.03 43.79
C ALA B 449 18.66 8.80 44.15
N HIS B 450 18.13 7.64 43.76
CA HIS B 450 16.79 7.24 44.11
C HIS B 450 16.79 6.42 45.44
N SER B 451 15.74 6.62 46.24
CA SER B 451 15.54 5.92 47.54
C SER B 451 14.07 5.76 47.84
N THR B 452 13.68 4.68 48.49
CA THR B 452 12.37 4.65 49.16
C THR B 452 12.50 5.53 50.42
N VAL B 453 11.48 6.35 50.75
CA VAL B 453 11.54 7.26 51.94
C VAL B 453 11.85 6.45 53.21
N GLY B 454 12.84 6.91 53.97
CA GLY B 454 13.32 6.20 55.15
C GLY B 454 14.55 5.36 54.90
N GLN B 455 15.24 5.57 53.78
CA GLN B 455 16.58 4.99 53.61
C GLN B 455 17.57 6.13 53.88
N THR B 456 18.82 5.81 54.11
CA THR B 456 19.77 6.84 54.55
C THR B 456 21.02 6.92 53.65
N LEU B 457 21.45 8.15 53.32
CA LEU B 457 22.66 8.32 52.53
C LEU B 457 23.94 8.26 53.42
N PRO B 458 24.71 7.15 53.36
CA PRO B 458 25.97 7.08 54.09
C PRO B 458 26.75 8.39 54.06
N ILE B 459 27.27 8.78 55.23
CA ILE B 459 28.34 9.79 55.35
C ILE B 459 29.53 9.34 54.47
N PRO B 460 30.11 10.29 53.71
CA PRO B 460 30.73 10.02 52.39
C PRO B 460 30.35 8.62 51.92
N LEU B 461 29.26 8.49 51.16
CA LEU B 461 28.84 9.45 50.11
C LEU B 461 28.43 10.89 50.42
N LYS B 462 27.63 11.14 51.43
CA LYS B 462 27.02 12.43 51.62
C LYS B 462 27.99 13.61 51.74
N LYS B 463 29.22 13.40 52.22
CA LYS B 463 30.22 14.51 52.24
C LYS B 463 30.69 14.77 50.82
N LEU B 464 30.85 13.68 50.07
CA LEU B 464 31.19 13.78 48.64
C LEU B 464 30.12 14.57 47.85
N PHE B 465 28.83 14.28 48.04
CA PHE B 465 27.74 15.02 47.32
C PHE B 465 26.94 15.96 48.21
N PRO B 466 27.43 17.19 48.44
CA PRO B 466 26.72 18.10 49.39
C PRO B 466 25.26 18.42 48.99
N SER B 467 25.02 18.66 47.70
CA SER B 467 23.70 19.03 47.15
C SER B 467 23.24 17.98 46.12
N ILE B 468 23.25 16.74 46.59
CA ILE B 468 22.84 15.54 45.83
C ILE B 468 21.40 15.62 45.32
N ILE B 469 21.18 15.19 44.08
CA ILE B 469 19.85 15.14 43.53
C ILE B 469 19.24 13.84 43.97
N SER B 470 18.46 13.96 45.03
CA SER B 470 17.93 12.81 45.68
C SER B 470 16.47 12.82 45.34
N ILE B 471 16.02 11.72 44.78
CA ILE B 471 14.65 11.51 44.45
C ILE B 471 14.24 10.46 45.43
N THR B 472 13.44 10.88 46.38
CA THR B 472 12.99 9.99 47.41
C THR B 472 11.53 9.63 47.10
N TRP B 473 11.27 8.35 47.04
CA TRP B 473 9.98 7.81 46.65
C TRP B 473 9.18 7.29 47.84
N PRO B 474 7.95 7.80 48.03
CA PRO B 474 7.02 7.20 48.97
C PRO B 474 6.86 5.67 48.87
N LEU B 475 6.65 5.02 50.01
CA LEU B 475 6.29 3.61 50.09
C LEU B 475 5.02 3.34 49.27
N LEU B 476 4.91 2.15 48.69
CA LEU B 476 3.83 1.77 47.77
C LEU B 476 3.76 0.26 47.71
N PHE B 477 2.56 -0.30 47.81
CA PHE B 477 2.43 -1.75 47.74
C PHE B 477 2.88 -2.19 46.35
N PHE B 478 3.61 -3.30 46.31
CA PHE B 478 3.99 -3.95 45.07
C PHE B 478 3.67 -5.46 45.11
N GLU B 479 3.14 -5.99 44.00
CA GLU B 479 2.64 -7.36 43.96
C GLU B 479 3.74 -8.41 43.78
N TYR B 480 4.81 -8.07 43.05
CA TYR B 480 5.87 -9.03 42.69
C TYR B 480 7.21 -8.67 43.35
N GLU B 481 8.04 -9.69 43.61
CA GLU B 481 9.33 -9.52 44.35
C GLU B 481 10.23 -8.45 43.71
N GLY B 482 10.34 -8.47 42.38
CA GLY B 482 11.15 -7.46 41.67
C GLY B 482 10.79 -5.99 41.87
N ASN B 483 9.60 -5.69 42.37
CA ASN B 483 9.14 -4.29 42.60
C ASN B 483 9.26 -3.47 41.28
N PHE B 484 8.58 -4.02 40.29
CA PHE B 484 8.65 -3.51 38.92
C PHE B 484 8.10 -2.08 38.82
N ILE B 485 6.98 -1.86 39.47
CA ILE B 485 6.44 -0.54 39.57
C ILE B 485 7.47 0.47 40.09
N GLN B 486 8.36 0.05 40.99
CA GLN B 486 9.45 0.96 41.46
C GLN B 486 10.55 1.15 40.38
N LYS B 487 10.86 0.08 39.68
CA LYS B 487 11.84 0.09 38.60
C LYS B 487 11.36 1.11 37.56
N PHE B 488 10.11 0.97 37.16
CA PHE B 488 9.60 1.82 36.08
C PHE B 488 9.57 3.25 36.49
N GLN B 489 9.15 3.53 37.72
CA GLN B 489 9.20 4.93 38.19
C GLN B 489 10.57 5.46 38.12
N ARG B 490 11.54 4.65 38.52
CA ARG B 490 12.95 5.13 38.59
C ARG B 490 13.59 5.28 37.22
N GLU B 491 13.34 4.32 36.34
CA GLU B 491 13.79 4.43 34.92
C GLU B 491 13.23 5.71 34.33
N LEU B 492 11.92 5.91 34.51
CA LEU B 492 11.26 7.05 33.88
C LEU B 492 11.80 8.36 34.44
N SER B 493 11.93 8.43 35.78
CA SER B 493 12.48 9.63 36.40
C SER B 493 13.89 9.95 35.89
N THR B 494 14.71 8.89 35.72
CA THR B 494 16.09 9.10 35.26
C THR B 494 16.07 9.60 33.81
N LYS B 495 15.29 8.93 32.96
CA LYS B 495 15.09 9.40 31.58
C LYS B 495 14.76 10.85 31.55
N TRP B 496 13.82 11.29 32.37
CA TRP B 496 13.42 12.70 32.31
C TRP B 496 14.56 13.62 32.65
N VAL B 497 15.29 13.26 33.68
CA VAL B 497 16.38 14.12 34.16
C VAL B 497 17.47 14.31 33.12
N LEU B 498 18.07 13.20 32.70
CA LEU B 498 19.06 13.13 31.63
C LEU B 498 18.64 13.79 30.28
N ASN B 499 17.46 13.45 29.75
CA ASN B 499 16.93 14.17 28.58
C ASN B 499 16.97 15.72 28.76
N THR B 500 16.43 16.20 29.88
CA THR B 500 16.35 17.63 30.12
C THR B 500 17.75 18.18 30.21
N VAL B 501 18.60 17.49 30.95
CA VAL B 501 19.97 17.97 31.10
C VAL B 501 20.75 17.97 29.77
N SER B 502 20.70 16.85 29.05
CA SER B 502 21.45 16.77 27.78
C SER B 502 20.88 17.79 26.82
N THR B 503 19.56 17.81 26.69
CA THR B 503 18.92 18.73 25.79
C THR B 503 19.18 20.16 26.19
N GLY B 504 18.95 20.51 27.45
CA GLY B 504 19.17 21.90 27.90
C GLY B 504 20.62 22.35 27.81
N ALA B 505 21.53 21.44 28.13
CA ALA B 505 22.95 21.79 28.09
C ALA B 505 23.33 22.20 26.67
N HIS B 506 22.78 21.55 25.64
CA HIS B 506 23.09 21.93 24.23
C HIS B 506 22.35 23.16 23.76
N VAL B 507 21.16 23.40 24.29
CA VAL B 507 20.47 24.66 24.04
C VAL B 507 21.26 25.82 24.62
N LEU B 508 21.86 25.64 25.78
CA LEU B 508 22.59 26.80 26.38
C LEU B 508 23.83 27.16 25.53
N LEU B 509 24.35 26.17 24.80
CA LEU B 509 25.50 26.43 23.94
C LEU B 509 25.14 27.09 22.61
N GLY B 510 23.87 27.42 22.38
CA GLY B 510 23.44 28.09 21.15
C GLY B 510 23.23 27.18 19.93
N LYS B 511 23.15 25.87 20.16
CA LYS B 511 22.93 24.91 19.08
C LYS B 511 21.50 24.85 18.53
N ILE B 512 20.56 25.45 19.22
CA ILE B 512 19.16 25.29 18.86
C ILE B 512 18.67 26.63 18.41
N LEU B 513 17.92 26.61 17.30
CA LEU B 513 17.45 27.83 16.66
C LEU B 513 15.94 27.94 16.93
N GLN B 514 15.58 28.87 17.82
CA GLN B 514 14.25 28.90 18.43
C GLN B 514 13.99 27.58 19.25
N ASN B 515 13.23 26.64 18.68
CA ASN B 515 13.11 25.29 19.21
C ASN B 515 13.26 24.27 18.12
N HIS B 516 14.17 24.57 17.20
CA HIS B 516 14.50 23.66 16.10
C HIS B 516 15.97 23.33 16.16
N MET B 517 16.30 22.11 15.82
CA MET B 517 17.70 21.77 15.55
C MET B 517 17.92 21.87 14.03
N LEU B 518 18.40 23.01 13.58
CA LEU B 518 18.52 23.26 12.16
C LEU B 518 19.60 22.38 11.54
N ASP B 519 20.73 22.34 12.22
CA ASP B 519 21.92 21.74 11.69
C ASP B 519 21.99 20.26 11.99
N LEU B 520 21.01 19.50 11.56
CA LEU B 520 21.02 18.06 11.78
C LEU B 520 21.64 17.31 10.61
N ARG B 521 22.04 16.08 10.88
CA ARG B 521 22.67 15.24 9.90
C ARG B 521 21.55 14.50 9.21
N ILE B 522 21.45 14.65 7.89
CA ILE B 522 20.37 13.98 7.20
C ILE B 522 20.71 12.53 7.06
N SER B 523 20.11 11.69 7.91
CA SER B 523 20.48 10.26 7.91
C SER B 523 19.35 9.27 7.67
N ASN B 524 18.13 9.75 7.46
CA ASN B 524 17.07 8.91 6.91
C ASN B 524 16.01 9.84 6.26
N SER B 525 14.97 9.25 5.70
CA SER B 525 14.03 9.99 4.91
C SER B 525 13.28 11.02 5.72
N LYS B 526 13.00 10.71 6.98
CA LYS B 526 12.25 11.60 7.84
C LYS B 526 13.06 12.83 8.15
N LEU B 527 14.36 12.67 8.37
CA LEU B 527 15.25 13.81 8.66
C LEU B 527 15.46 14.65 7.40
N PHE B 528 15.42 13.99 6.26
CA PHE B 528 15.39 14.69 5.00
C PHE B 528 14.16 15.61 4.90
N TRP B 529 12.98 15.06 5.18
CA TRP B 529 11.77 15.89 5.09
C TRP B 529 11.76 17.02 6.13
N ARG B 530 12.39 16.80 7.28
CA ARG B 530 12.44 17.79 8.33
C ARG B 530 13.47 18.83 7.91
N ALA B 531 14.56 18.45 7.29
CA ALA B 531 15.42 19.50 6.75
C ALA B 531 14.59 20.39 5.79
N LEU B 532 13.93 19.79 4.82
CA LEU B 532 13.19 20.60 3.84
C LEU B 532 12.13 21.48 4.54
N ALA B 533 11.36 20.89 5.44
CA ALA B 533 10.38 21.69 6.13
C ALA B 533 11.01 22.89 6.87
N MET B 534 12.21 22.73 7.41
CA MET B 534 12.87 23.85 8.10
C MET B 534 13.30 24.91 7.11
N LEU B 535 13.81 24.50 5.97
CA LEU B 535 14.20 25.48 4.95
C LEU B 535 13.00 26.32 4.53
N GLN B 536 11.91 25.66 4.20
CA GLN B 536 10.66 26.33 3.91
C GLN B 536 10.30 27.38 4.98
N ARG B 537 10.26 26.98 6.24
CA ARG B 537 9.75 27.89 7.26
C ARG B 537 10.71 29.05 7.55
N PHE B 538 11.98 28.76 7.68
CA PHE B 538 12.97 29.83 7.91
C PHE B 538 13.19 30.74 6.72
N SER B 539 13.09 30.21 5.49
CA SER B 539 13.35 31.00 4.30
C SER B 539 12.10 31.69 3.84
N GLY B 540 10.97 31.00 3.97
CA GLY B 540 9.67 31.51 3.59
C GLY B 540 9.50 31.42 2.09
N GLN B 541 10.42 30.70 1.43
CA GLN B 541 10.39 30.53 -0.02
C GLN B 541 9.74 29.22 -0.50
N SER B 542 9.50 29.12 -1.79
CA SER B 542 8.71 28.02 -2.31
C SER B 542 9.38 26.69 -2.06
N LYS B 543 8.62 25.64 -2.25
CA LYS B 543 9.16 24.32 -2.06
C LYS B 543 10.14 23.94 -3.14
N ALA B 544 9.92 24.44 -4.35
CA ALA B 544 10.85 24.16 -5.43
C ALA B 544 12.23 24.82 -5.21
N ARG B 545 12.29 26.06 -4.75
CA ARG B 545 13.60 26.67 -4.48
C ARG B 545 14.25 26.02 -3.24
N CYS B 546 13.43 25.71 -2.23
CA CYS B 546 13.92 25.02 -1.03
C CYS B 546 14.49 23.65 -1.37
N ILE B 547 13.78 22.92 -2.22
CA ILE B 547 14.24 21.61 -2.68
C ILE B 547 15.53 21.72 -3.50
N GLU B 548 15.60 22.64 -4.47
CA GLU B 548 16.83 22.74 -5.29
C GLU B 548 18.00 23.14 -4.42
N SER B 549 17.77 24.06 -3.51
CA SER B 549 18.86 24.44 -2.66
C SER B 549 19.34 23.26 -1.80
N LEU B 550 18.44 22.42 -1.36
CA LEU B 550 18.81 21.28 -0.52
C LEU B 550 19.61 20.29 -1.31
N LEU B 551 19.11 19.96 -2.49
CA LEU B 551 19.78 18.90 -3.26
C LEU B 551 21.12 19.39 -3.78
N ARG B 552 21.22 20.68 -4.05
CA ARG B 552 22.48 21.25 -4.49
C ARG B 552 23.47 21.18 -3.36
N ALA B 553 23.07 21.60 -2.15
CA ALA B 553 23.97 21.59 -1.01
C ALA B 553 24.41 20.19 -0.71
N ILE B 554 23.50 19.23 -0.87
CA ILE B 554 23.81 17.84 -0.62
C ILE B 554 24.84 17.35 -1.61
N HIS B 555 24.52 17.49 -2.88
CA HIS B 555 25.30 16.82 -3.91
C HIS B 555 26.52 17.57 -4.48
N PHE B 556 26.72 18.82 -4.02
CA PHE B 556 27.85 19.61 -4.40
C PHE B 556 29.10 18.78 -4.21
N PRO B 557 30.08 18.89 -5.11
CA PRO B 557 30.20 19.71 -6.31
C PRO B 557 29.42 19.22 -7.53
N GLN B 558 28.63 18.16 -7.43
CA GLN B 558 27.86 17.73 -8.56
C GLN B 558 26.72 18.72 -8.82
N PRO B 559 26.49 19.11 -10.09
CA PRO B 559 25.31 19.92 -10.41
C PRO B 559 24.05 19.07 -10.41
N LEU B 560 22.91 19.70 -10.20
CA LEU B 560 21.61 19.04 -10.30
C LEU B 560 21.30 18.50 -11.69
N SER B 561 21.44 17.21 -11.92
CA SER B 561 20.98 16.58 -13.14
C SER B 561 19.51 16.14 -13.01
N ASP B 562 18.93 15.69 -14.11
CA ASP B 562 17.59 15.11 -14.06
C ASP B 562 17.58 13.84 -13.18
N ASP B 563 18.63 13.06 -13.24
CA ASP B 563 18.67 11.80 -12.55
C ASP B 563 18.66 12.08 -11.05
N ILE B 564 19.43 13.08 -10.62
CA ILE B 564 19.46 13.48 -9.24
C ILE B 564 18.08 13.98 -8.77
N ARG B 565 17.42 14.79 -9.58
CA ARG B 565 16.11 15.29 -9.20
C ARG B 565 15.11 14.18 -8.99
N ALA B 566 15.22 13.10 -9.76
CA ALA B 566 14.21 12.07 -9.76
C ALA B 566 14.61 10.82 -8.94
N ALA B 567 15.78 10.89 -8.32
CA ALA B 567 16.34 9.78 -7.57
C ALA B 567 15.53 9.55 -6.30
N PRO B 568 15.56 8.32 -5.79
CA PRO B 568 14.84 8.07 -4.53
C PRO B 568 15.48 8.83 -3.39
N ILE B 569 14.71 9.17 -2.37
CA ILE B 569 15.27 9.84 -1.19
C ILE B 569 16.49 9.15 -0.58
N SER B 570 16.54 7.82 -0.52
CA SER B 570 17.78 7.16 -0.03
C SER B 570 19.06 7.63 -0.72
N CYS B 571 18.95 8.00 -2.00
CA CYS B 571 20.10 8.53 -2.75
C CYS B 571 20.60 9.83 -2.10
N HIS B 572 19.70 10.74 -1.75
CA HIS B 572 20.15 12.00 -1.10
C HIS B 572 20.63 11.74 0.31
N VAL B 573 19.94 10.84 1.01
CA VAL B 573 20.35 10.51 2.36
C VAL B 573 21.77 9.90 2.39
N GLN B 574 22.06 8.94 1.52
CA GLN B 574 23.39 8.33 1.50
C GLN B 574 24.51 9.37 1.33
N VAL B 575 24.30 10.34 0.44
CA VAL B 575 25.30 11.37 0.23
C VAL B 575 25.33 12.42 1.35
N ALA B 576 24.17 12.91 1.77
CA ALA B 576 24.05 13.87 2.87
C ALA B 576 24.59 13.40 4.22
N HIS B 577 24.47 12.11 4.50
CA HIS B 577 24.91 11.57 5.77
C HIS B 577 26.41 11.79 6.02
N GLU B 578 27.21 11.82 4.96
CA GLU B 578 28.66 11.98 5.04
C GLU B 578 29.10 13.41 5.16
N LYS B 579 28.19 14.38 5.12
CA LYS B 579 28.61 15.78 5.03
C LYS B 579 28.35 16.59 6.27
N GLU B 580 29.02 17.72 6.33
CA GLU B 580 28.82 18.70 7.37
C GLU B 580 28.05 19.98 6.91
N GLN B 581 27.18 20.48 7.78
CA GLN B 581 26.49 21.74 7.61
C GLN B 581 25.65 21.82 6.33
N VAL B 582 25.14 20.69 5.90
CA VAL B 582 24.32 20.68 4.74
C VAL B 582 23.16 21.68 4.80
N ILE B 583 22.45 21.72 5.93
CA ILE B 583 21.23 22.47 5.95
C ILE B 583 21.50 23.94 6.11
N PRO B 584 22.49 24.29 6.90
CA PRO B 584 22.85 25.72 6.99
C PRO B 584 23.39 26.31 5.68
N ILE B 585 24.16 25.53 4.93
CA ILE B 585 24.57 25.96 3.61
C ILE B 585 23.38 26.14 2.69
N ALA B 586 22.46 25.19 2.70
CA ALA B 586 21.27 25.28 1.87
C ALA B 586 20.41 26.50 2.23
N LEU B 587 20.39 26.89 3.51
CA LEU B 587 19.61 28.06 3.96
C LEU B 587 20.29 29.39 3.59
N LEU B 588 21.62 29.45 3.66
CA LEU B 588 22.32 30.67 3.34
C LEU B 588 22.13 30.92 1.86
N SER B 589 22.33 29.90 1.06
CA SER B 589 22.06 29.95 -0.36
C SER B 589 20.69 30.54 -0.69
N LEU B 590 19.69 30.16 0.09
CA LEU B 590 18.33 30.63 -0.08
C LEU B 590 18.16 32.08 0.35
N LEU B 591 18.69 32.42 1.52
CA LEU B 591 18.50 33.76 2.08
C LEU B 591 19.27 34.81 1.29
N PHE B 592 20.46 34.48 0.83
CA PHE B 592 21.27 35.39 0.02
C PHE B 592 21.00 35.31 -1.48
N ARG B 593 20.17 34.35 -1.92
CA ARG B 593 19.94 34.14 -3.34
C ARG B 593 21.22 33.86 -4.06
N CYS B 594 22.09 33.09 -3.42
CA CYS B 594 23.43 32.89 -3.93
C CYS B 594 23.66 31.43 -4.24
N SER B 595 24.87 31.10 -4.71
CA SER B 595 25.19 29.74 -5.07
C SER B 595 25.78 29.00 -3.86
N ILE B 596 25.82 27.69 -3.98
CA ILE B 596 26.45 26.88 -2.98
C ILE B 596 27.91 27.36 -2.81
N THR B 597 28.59 27.63 -3.92
CA THR B 597 30.00 28.02 -3.88
C THR B 597 30.14 29.27 -3.04
N GLU B 598 29.22 30.20 -3.25
CA GLU B 598 29.22 31.46 -2.51
C GLU B 598 28.78 31.29 -1.05
N ALA B 599 27.92 30.31 -0.76
CA ALA B 599 27.34 30.16 0.59
C ALA B 599 28.37 29.44 1.49
N GLN B 600 29.09 28.48 0.92
CA GLN B 600 30.20 27.81 1.62
C GLN B 600 31.25 28.78 2.04
N ALA B 601 31.68 29.64 1.11
CA ALA B 601 32.68 30.65 1.45
C ALA B 601 32.18 31.65 2.50
N HIS B 602 30.90 32.00 2.45
CA HIS B 602 30.34 32.91 3.43
C HIS B 602 30.43 32.25 4.83
N LEU B 603 29.95 31.01 4.92
CA LEU B 603 30.02 30.21 6.16
C LEU B 603 31.46 30.12 6.69
N ALA B 604 32.35 29.60 5.86
CA ALA B 604 33.76 29.42 6.23
C ALA B 604 34.46 30.70 6.71
N ALA B 605 33.89 31.87 6.45
CA ALA B 605 34.50 33.12 6.90
C ALA B 605 33.82 33.73 8.14
N ALA B 606 32.70 33.16 8.59
CA ALA B 606 31.99 33.73 9.75
C ALA B 606 32.54 33.11 11.08
N PRO B 607 32.21 33.73 12.23
CA PRO B 607 32.81 33.16 13.44
C PRO B 607 32.33 31.72 13.70
N SER B 608 31.02 31.49 13.57
CA SER B 608 30.45 30.14 13.80
C SER B 608 29.27 29.87 12.86
N VAL B 609 28.90 28.60 12.73
CA VAL B 609 27.70 28.26 12.02
C VAL B 609 26.47 28.99 12.56
N CYS B 610 26.34 29.13 13.88
CA CYS B 610 25.14 29.70 14.50
C CYS B 610 25.06 31.19 14.26
N GLU B 611 26.19 31.87 14.32
CA GLU B 611 26.21 33.29 14.06
C GLU B 611 25.96 33.55 12.57
N ALA B 612 26.59 32.76 11.70
CA ALA B 612 26.35 32.92 10.27
C ALA B 612 24.86 32.79 9.95
N VAL B 613 24.18 31.82 10.56
CA VAL B 613 22.75 31.59 10.28
C VAL B 613 21.85 32.62 10.90
N ARG B 614 22.15 33.01 12.14
CA ARG B 614 21.32 34.02 12.85
C ARG B 614 21.39 35.43 12.21
N SER B 615 22.60 35.84 11.78
CA SER B 615 22.80 37.13 11.08
C SER B 615 22.13 37.14 9.74
N ALA B 616 22.24 36.02 9.03
CA ALA B 616 21.56 35.91 7.74
C ALA B 616 20.04 35.97 7.91
N LEU B 617 19.52 35.57 9.06
CA LEU B 617 18.08 35.68 9.29
C LEU B 617 17.61 37.07 9.66
N ALA B 618 18.51 38.00 10.04
CA ALA B 618 18.06 39.27 10.69
C ALA B 618 18.19 40.51 9.81
#